data_6EO0
#
_entry.id   6EO0
#
_cell.length_a   64.930
_cell.length_b   113.590
_cell.length_c   72.310
_cell.angle_alpha   90.00
_cell.angle_beta   103.24
_cell.angle_gamma   90.00
#
_symmetry.space_group_name_H-M   'P 1 21 1'
#
loop_
_entity.id
_entity.type
_entity.pdbx_description
1 polymer 'NAD-dependent protein deacylase sirtuin-5, mitochondrial'
2 non-polymer 'ZINC ION'
3 non-polymer 1,2-ETHANEDIOL
4 non-polymer '3-[[(~{Z})-~{C}-[(2~{R},3~{R},4~{S},5~{R})-5-[[[[(2~{R},3~{S},4~{R},5~{R})-5-(6-aminopurin-9-yl)-3,4-bis(oxidanyl)oxolan-2-yl]methoxy-oxidanyl-phosphoryl]oxy-oxidanyl-phosphoryl]oxymethyl]-3,4-bis(oxidanyl)oxolan-2-yl]sulfanyl-~{N}-[(5~{S})-6-[[(2~{S})-3-(1~{H}-indol-3-yl)-1-oxidanylidene-1-(propan-2-ylamino)propan-2-yl]amino]-6-oxidanylidene-5-(phenylmethoxycarbonylamino)hexyl]carbonimidoyl]amino]propanoic acid'
5 non-polymer '3-[[(2~{S},3~{a}~{R},5~{R},6~{R},6~{a}~{R})-5-[[[[(2~{R},3~{S},4~{R},5~{R})-5-(6-aminopurin-9-yl)-3,4-bis(oxidanyl)oxolan-2-yl]methoxy-oxidanyl-phosphoryl]oxy-oxidanyl-phosphoryl]oxymethyl]-2-[[(5~{S})-6-[[(2~{S})-3-(1~{H}-indol-3-yl)-1-oxidanylidene-1-(propan-2-ylamino)propan-2-yl]amino]-6-oxidanylidene-5-(phenylmethoxycarbonylamino)hexyl]amino]-6-oxidanyl-3~{a},5,6,6~{a}-tetrahydrofuro[2,3-d][1,3]oxathiol-2-yl]amino]propanoic acid'
6 water water
#
_entity_poly.entity_id   1
_entity_poly.type   'polypeptide(L)'
_entity_poly.pdbx_seq_one_letter_code
;GIDPFTKMTRPSSDLTAFREHFAKAKHIAIITGAGVSAESGVPTFRGPGGFWRKWQAQDLATPEAFSRDPSLVWEFYHYR
REVMRSKMPNPAHLAIAECEARLGQQGRSVVIITQNIDELHHRAGSKHVYEIHGSLFKTRCMSCGEVKANHKSPICPALD
GKGAPDPNTKEARIPVELLPRCERKSCNGLLRPHVVWFGETLDSDILTAVERELEKCDLCLVVGTSSIVYPAAMFAPQVA
SRGVPVAEFNMECTPATQRFKYHFEGPCGSTLPPALE
;
_entity_poly.pdbx_strand_id   A,B,C,D
#
# COMPACT_ATOMS: atom_id res chain seq x y z
N PRO A 4 -4.94 -13.57 -28.91
CA PRO A 4 -5.11 -13.67 -27.47
C PRO A 4 -5.34 -12.35 -26.73
N PHE A 5 -6.06 -12.49 -25.61
CA PHE A 5 -6.34 -11.39 -24.64
C PHE A 5 -5.09 -11.19 -23.81
N THR A 6 -4.79 -9.93 -23.58
CA THR A 6 -3.75 -9.55 -22.64
C THR A 6 -4.39 -9.39 -21.29
N LYS A 7 -3.72 -9.78 -20.21
CA LYS A 7 -4.36 -9.77 -18.89
C LYS A 7 -4.77 -8.37 -18.46
N MET A 8 -5.99 -8.21 -17.93
CA MET A 8 -6.52 -6.97 -17.35
C MET A 8 -7.00 -7.35 -15.97
N THR A 9 -7.09 -6.37 -15.07
CA THR A 9 -7.93 -6.51 -13.86
C THR A 9 -9.01 -5.44 -13.92
N ARG A 10 -9.67 -5.40 -15.08
CA ARG A 10 -10.86 -4.61 -15.32
C ARG A 10 -12.00 -5.59 -15.59
N PRO A 11 -13.03 -5.61 -14.71
CA PRO A 11 -14.10 -6.52 -14.97
C PRO A 11 -14.93 -6.12 -16.18
N SER A 12 -15.86 -6.99 -16.53
CA SER A 12 -16.79 -6.79 -17.64
C SER A 12 -17.52 -5.44 -17.58
N SER A 13 -17.93 -4.97 -18.76
CA SER A 13 -18.79 -3.80 -18.91
C SER A 13 -20.11 -4.18 -19.57
N ASP A 14 -20.42 -5.47 -19.53
CA ASP A 14 -21.54 -6.03 -20.27
C ASP A 14 -22.85 -5.78 -19.47
N LEU A 15 -23.51 -4.66 -19.79
CA LEU A 15 -24.78 -4.25 -19.14
C LEU A 15 -25.87 -5.32 -19.27
N THR A 16 -26.00 -5.87 -20.47
CA THR A 16 -26.91 -6.96 -20.72
C THR A 16 -26.73 -8.09 -19.71
N ALA A 17 -25.49 -8.54 -19.49
CA ALA A 17 -25.27 -9.64 -18.56
C ALA A 17 -25.64 -9.22 -17.11
N PHE A 18 -25.30 -7.97 -16.72
CA PHE A 18 -25.72 -7.46 -15.41
C PHE A 18 -27.27 -7.39 -15.28
N ARG A 19 -27.95 -6.85 -16.29
CA ARG A 19 -29.41 -6.73 -16.27
C ARG A 19 -30.17 -8.06 -16.16
N GLU A 20 -29.53 -9.14 -16.61
CA GLU A 20 -30.05 -10.47 -16.36
C GLU A 20 -30.01 -10.79 -14.87
N HIS A 21 -28.90 -10.51 -14.20
CA HIS A 21 -28.84 -10.71 -12.72
C HIS A 21 -29.88 -9.82 -12.02
N PHE A 22 -29.99 -8.58 -12.49
CA PHE A 22 -30.93 -7.62 -11.95
C PHE A 22 -32.40 -8.07 -12.08
N ALA A 23 -32.72 -8.71 -13.19
CA ALA A 23 -34.07 -9.21 -13.46
C ALA A 23 -34.53 -10.25 -12.42
N LYS A 24 -33.59 -11.05 -11.91
CA LYS A 24 -33.92 -12.19 -11.05
C LYS A 24 -33.46 -12.00 -9.59
N ALA A 25 -33.09 -10.78 -9.22
CA ALA A 25 -32.55 -10.52 -7.89
C ALA A 25 -33.67 -10.10 -6.91
N LYS A 26 -33.66 -10.69 -5.72
CA LYS A 26 -34.68 -10.44 -4.71
C LYS A 26 -34.22 -9.44 -3.61
N HIS A 27 -32.92 -9.43 -3.30
CA HIS A 27 -32.36 -8.59 -2.23
C HIS A 27 -31.13 -7.83 -2.75
N ILE A 28 -31.37 -6.63 -3.29
CA ILE A 28 -30.32 -5.79 -3.80
C ILE A 28 -29.78 -4.87 -2.69
N ALA A 29 -28.45 -4.91 -2.46
CA ALA A 29 -27.77 -3.98 -1.58
C ALA A 29 -26.98 -2.96 -2.42
N ILE A 30 -27.37 -1.68 -2.31
CA ILE A 30 -26.69 -0.59 -2.98
C ILE A 30 -25.82 0.22 -1.98
N ILE A 31 -24.50 0.19 -2.18
CA ILE A 31 -23.57 0.93 -1.36
C ILE A 31 -23.16 2.22 -2.08
N THR A 32 -23.03 3.33 -1.34
CA THR A 32 -22.88 4.65 -1.94
C THR A 32 -21.86 5.49 -1.17
N GLY A 33 -21.17 6.34 -1.92
CA GLY A 33 -20.27 7.35 -1.40
C GLY A 33 -20.55 8.69 -2.07
N ALA A 34 -19.64 9.64 -1.86
CA ALA A 34 -19.85 11.03 -2.24
C ALA A 34 -20.10 11.21 -3.73
N GLY A 35 -19.49 10.36 -4.55
CA GLY A 35 -19.75 10.32 -6.01
C GLY A 35 -21.19 10.34 -6.49
N VAL A 36 -22.09 9.79 -5.66
CA VAL A 36 -23.52 9.77 -5.98
C VAL A 36 -24.15 11.15 -5.85
N SER A 37 -23.53 12.02 -5.07
CA SER A 37 -24.04 13.37 -4.94
C SER A 37 -23.22 14.36 -5.77
N ALA A 38 -22.14 13.90 -6.39
CA ALA A 38 -21.29 14.80 -7.20
C ALA A 38 -22.12 15.59 -8.21
N GLU A 39 -23.04 14.93 -8.88
CA GLU A 39 -23.85 15.62 -9.90
C GLU A 39 -24.97 16.54 -9.36
N SER A 40 -25.24 16.47 -8.06
CA SER A 40 -26.10 17.45 -7.39
C SER A 40 -25.38 18.76 -7.06
N GLY A 41 -24.06 18.79 -7.27
CA GLY A 41 -23.22 19.94 -7.02
C GLY A 41 -22.64 19.92 -5.60
N VAL A 42 -22.43 18.73 -5.03
CA VAL A 42 -21.90 18.57 -3.66
C VAL A 42 -20.49 18.00 -3.79
N PRO A 43 -19.50 18.69 -3.22
CA PRO A 43 -18.16 18.26 -3.50
C PRO A 43 -17.80 16.98 -2.75
N THR A 44 -16.78 16.29 -3.25
CA THR A 44 -16.35 15.00 -2.73
C THR A 44 -15.10 15.25 -1.88
N PHE A 45 -14.44 14.17 -1.43
CA PHE A 45 -13.20 14.25 -0.66
C PHE A 45 -11.89 14.23 -1.49
N ARG A 46 -11.99 14.08 -2.80
CA ARG A 46 -10.84 13.89 -3.67
C ARG A 46 -10.55 15.21 -4.35
N GLY A 47 -11.52 15.72 -5.11
CA GLY A 47 -11.38 16.98 -5.82
C GLY A 47 -11.22 18.21 -4.92
N PRO A 48 -11.63 19.41 -5.43
CA PRO A 48 -11.55 20.67 -4.66
C PRO A 48 -12.08 20.64 -3.19
N GLY A 49 -13.12 19.86 -2.92
CA GLY A 49 -13.71 19.79 -1.57
C GLY A 49 -13.01 18.86 -0.59
N GLY A 50 -11.87 18.31 -0.98
CA GLY A 50 -11.01 17.56 -0.06
C GLY A 50 -10.26 18.49 0.91
N PHE A 51 -10.15 19.75 0.53
CA PHE A 51 -9.40 20.76 1.25
C PHE A 51 -10.40 21.77 1.82
N TRP A 52 -10.19 22.17 3.08
CA TRP A 52 -10.90 23.28 3.74
C TRP A 52 -9.84 23.99 4.57
N ARG A 53 -9.67 25.30 4.32
CA ARG A 53 -8.54 26.10 4.81
C ARG A 53 -7.20 25.35 4.67
N LYS A 54 -6.38 25.24 5.73
CA LYS A 54 -5.10 24.53 5.62
C LYS A 54 -5.16 23.01 5.85
N TRP A 55 -6.38 22.45 5.92
CA TRP A 55 -6.55 21.07 6.32
C TRP A 55 -7.19 20.29 5.21
N GLN A 56 -6.93 18.99 5.22
CA GLN A 56 -7.68 18.05 4.42
C GLN A 56 -8.93 17.77 5.22
N ALA A 57 -10.05 17.50 4.56
CA ALA A 57 -11.32 17.30 5.28
C ALA A 57 -11.19 16.21 6.34
N GLN A 58 -10.51 15.12 6.02
CA GLN A 58 -10.29 14.05 7.00
C GLN A 58 -9.49 14.48 8.26
N ASP A 59 -8.72 15.53 8.15
CA ASP A 59 -7.96 16.04 9.29
C ASP A 59 -8.87 16.60 10.36
N LEU A 60 -9.93 17.29 9.94
CA LEU A 60 -10.87 17.93 10.86
C LEU A 60 -11.97 17.04 11.41
N ALA A 61 -12.30 15.96 10.70
CA ALA A 61 -13.29 14.97 11.14
C ALA A 61 -12.66 13.93 12.05
N THR A 62 -12.27 14.36 13.23
CA THR A 62 -11.37 13.60 14.11
C THR A 62 -11.69 14.05 15.54
N PRO A 63 -11.58 13.16 16.53
CA PRO A 63 -11.83 13.57 17.92
C PRO A 63 -10.83 14.62 18.48
N GLU A 64 -9.54 14.44 18.17
CA GLU A 64 -8.49 15.40 18.57
C GLU A 64 -8.71 16.78 17.98
N ALA A 65 -9.16 16.85 16.74
CA ALA A 65 -9.47 18.14 16.13
C ALA A 65 -10.52 18.90 16.94
N PHE A 66 -11.61 18.21 17.30
CA PHE A 66 -12.67 18.82 18.10
C PHE A 66 -12.20 19.15 19.51
N SER A 67 -11.56 18.19 20.14
CA SER A 67 -10.88 18.40 21.40
C SER A 67 -10.02 19.67 21.37
N ARG A 68 -9.19 19.79 20.33
CA ARG A 68 -8.22 20.91 20.20
C ARG A 68 -8.87 22.25 19.88
N ASP A 69 -9.76 22.29 18.88
CA ASP A 69 -10.37 23.55 18.45
C ASP A 69 -11.83 23.34 18.06
N PRO A 70 -12.72 23.19 19.08
CA PRO A 70 -14.13 22.95 18.81
C PRO A 70 -14.74 24.00 17.92
N SER A 71 -14.32 25.25 18.07
CA SER A 71 -14.82 26.31 17.22
C SER A 71 -14.45 26.14 15.72
N LEU A 72 -13.22 25.70 15.46
CA LEU A 72 -12.73 25.51 14.07
C LEU A 72 -13.52 24.39 13.40
N VAL A 73 -13.64 23.27 14.12
CA VAL A 73 -14.39 22.11 13.66
C VAL A 73 -15.86 22.48 13.44
N TRP A 74 -16.44 23.31 14.31
CA TRP A 74 -17.81 23.73 14.07
C TRP A 74 -17.95 24.65 12.89
N GLU A 75 -16.92 25.45 12.64
CA GLU A 75 -16.89 26.28 11.44
C GLU A 75 -16.94 25.44 10.18
N PHE A 76 -16.09 24.42 10.17
CA PHE A 76 -15.98 23.43 9.09
C PHE A 76 -17.35 22.78 8.81
N TYR A 77 -17.99 22.25 9.85
CA TYR A 77 -19.28 21.54 9.67
C TYR A 77 -20.41 22.52 9.34
N HIS A 78 -20.31 23.75 9.86
CA HIS A 78 -21.25 24.82 9.49
C HIS A 78 -21.14 25.18 8.00
N TYR A 79 -19.93 25.22 7.46
CA TYR A 79 -19.73 25.48 6.01
C TYR A 79 -20.43 24.41 5.16
N ARG A 80 -20.18 23.17 5.53
CA ARG A 80 -20.76 22.07 4.83
C ARG A 80 -22.30 22.07 4.96
N ARG A 81 -22.84 22.32 6.15
CA ARG A 81 -24.29 22.37 6.30
C ARG A 81 -24.87 23.40 5.36
N GLU A 82 -24.24 24.56 5.28
CA GLU A 82 -24.76 25.64 4.44
C GLU A 82 -24.66 25.30 2.95
N VAL A 83 -23.55 24.68 2.53
CA VAL A 83 -23.41 24.30 1.14
C VAL A 83 -24.50 23.29 0.77
N MET A 84 -24.65 22.25 1.57
CA MET A 84 -25.68 21.21 1.37
C MET A 84 -27.13 21.73 1.26
N ARG A 85 -27.42 22.77 2.01
CA ARG A 85 -28.74 23.35 2.08
C ARG A 85 -29.48 23.45 0.76
N SER A 86 -28.86 24.11 -0.21
CA SER A 86 -29.55 24.40 -1.48
C SER A 86 -29.76 23.15 -2.34
N LYS A 87 -28.78 22.22 -2.27
CA LYS A 87 -28.63 21.13 -3.25
C LYS A 87 -29.78 20.15 -3.28
N MET A 88 -29.91 19.43 -4.39
CA MET A 88 -31.13 18.68 -4.74
C MET A 88 -30.79 17.29 -5.33
N PRO A 89 -31.66 16.30 -5.15
CA PRO A 89 -31.34 14.97 -5.69
C PRO A 89 -31.15 14.94 -7.21
N ASN A 90 -30.05 14.34 -7.64
CA ASN A 90 -29.74 14.14 -9.05
C ASN A 90 -30.36 12.84 -9.54
N PRO A 91 -30.34 12.62 -10.86
CA PRO A 91 -31.10 11.45 -11.34
C PRO A 91 -30.60 10.09 -10.84
N ALA A 92 -29.36 9.97 -10.35
CA ALA A 92 -28.88 8.72 -9.72
C ALA A 92 -29.55 8.40 -8.38
N HIS A 93 -29.77 9.42 -7.54
CA HIS A 93 -30.48 9.26 -6.26
C HIS A 93 -31.92 8.80 -6.50
N LEU A 94 -32.57 9.54 -7.39
CA LEU A 94 -34.00 9.36 -7.69
C LEU A 94 -34.29 8.03 -8.38
N ALA A 95 -33.35 7.55 -9.18
CA ALA A 95 -33.47 6.24 -9.82
C ALA A 95 -33.36 5.14 -8.78
N ILE A 96 -32.52 5.34 -7.77
CA ILE A 96 -32.44 4.40 -6.67
C ILE A 96 -33.77 4.38 -5.89
N ALA A 97 -34.36 5.53 -5.65
CA ALA A 97 -35.65 5.60 -4.94
C ALA A 97 -36.78 4.96 -5.77
N GLU A 98 -36.76 5.20 -7.08
CA GLU A 98 -37.78 4.67 -8.01
C GLU A 98 -37.64 3.15 -8.08
N CYS A 99 -36.41 2.67 -8.19
CA CYS A 99 -36.12 1.26 -8.22
C CYS A 99 -36.60 0.59 -6.95
N GLU A 100 -36.36 1.23 -5.84
CA GLU A 100 -36.81 0.74 -4.54
C GLU A 100 -38.35 0.68 -4.50
N ALA A 101 -38.99 1.74 -4.99
CA ALA A 101 -40.45 1.83 -5.00
C ALA A 101 -41.02 0.70 -5.81
N ARG A 102 -40.58 0.63 -7.07
CA ARG A 102 -41.09 -0.35 -8.02
C ARG A 102 -40.92 -1.76 -7.49
N LEU A 103 -39.67 -2.16 -7.22
CA LEU A 103 -39.35 -3.53 -6.79
C LEU A 103 -40.01 -3.99 -5.48
N GLY A 104 -40.36 -3.06 -4.61
CA GLY A 104 -41.05 -3.38 -3.35
C GLY A 104 -42.43 -3.98 -3.58
N GLN A 105 -43.15 -3.43 -4.56
CA GLN A 105 -44.45 -3.97 -5.01
C GLN A 105 -44.42 -5.41 -5.46
N GLN A 106 -43.25 -5.85 -5.93
CA GLN A 106 -43.03 -7.26 -6.31
C GLN A 106 -42.30 -8.04 -5.19
N GLY A 107 -42.31 -7.52 -3.96
CA GLY A 107 -41.67 -8.19 -2.80
C GLY A 107 -40.16 -8.38 -2.90
N ARG A 108 -39.51 -7.54 -3.70
CA ARG A 108 -38.07 -7.56 -3.85
C ARG A 108 -37.54 -6.33 -3.09
N SER A 109 -36.48 -6.52 -2.30
CA SER A 109 -35.94 -5.48 -1.42
C SER A 109 -34.68 -4.83 -2.00
N VAL A 110 -34.66 -3.51 -1.85
CA VAL A 110 -33.55 -2.67 -2.22
C VAL A 110 -33.15 -1.89 -0.99
N VAL A 111 -31.94 -2.17 -0.50
CA VAL A 111 -31.41 -1.50 0.69
C VAL A 111 -30.28 -0.54 0.27
N ILE A 112 -30.30 0.67 0.82
CA ILE A 112 -29.25 1.67 0.58
C ILE A 112 -28.38 1.79 1.82
N ILE A 113 -27.06 1.63 1.65
CA ILE A 113 -26.09 1.74 2.74
C ILE A 113 -25.11 2.81 2.34
N THR A 114 -25.24 4.00 2.90
CA THR A 114 -24.53 5.18 2.40
C THR A 114 -23.53 5.67 3.41
N GLN A 115 -22.35 5.98 2.88
CA GLN A 115 -21.33 6.68 3.64
C GLN A 115 -21.65 8.18 3.77
N ASN A 116 -22.54 8.70 2.93
CA ASN A 116 -22.82 10.12 2.88
C ASN A 116 -23.59 10.52 4.11
N ILE A 117 -23.38 11.78 4.47
CA ILE A 117 -24.02 12.40 5.59
C ILE A 117 -24.90 13.58 5.12
N ASP A 118 -25.32 13.57 3.86
CA ASP A 118 -26.04 14.71 3.26
C ASP A 118 -27.56 14.56 3.23
N GLU A 119 -28.03 13.36 3.59
CA GLU A 119 -29.47 13.00 3.57
C GLU A 119 -30.13 13.16 2.19
N LEU A 120 -29.35 13.15 1.11
CA LEU A 120 -29.93 13.32 -0.21
C LEU A 120 -30.68 12.07 -0.68
N HIS A 121 -30.30 10.88 -0.20
CA HIS A 121 -31.13 9.67 -0.42
C HIS A 121 -32.50 9.84 0.27
N HIS A 122 -32.55 10.33 1.51
CA HIS A 122 -33.83 10.55 2.17
C HIS A 122 -34.67 11.55 1.35
N ARG A 123 -34.07 12.68 1.00
CA ARG A 123 -34.77 13.70 0.19
C ARG A 123 -35.20 13.20 -1.19
N ALA A 124 -34.48 12.23 -1.73
CA ALA A 124 -34.84 11.54 -2.95
C ALA A 124 -36.12 10.69 -2.89
N GLY A 125 -36.50 10.24 -1.69
CA GLY A 125 -37.62 9.32 -1.54
C GLY A 125 -37.24 7.91 -1.16
N SER A 126 -35.96 7.62 -1.10
CA SER A 126 -35.50 6.33 -0.61
C SER A 126 -35.94 6.17 0.86
N LYS A 127 -36.43 4.97 1.21
CA LYS A 127 -36.95 4.71 2.54
C LYS A 127 -36.08 3.74 3.34
N HIS A 128 -35.55 2.69 2.73
CA HIS A 128 -34.74 1.69 3.44
C HIS A 128 -33.23 2.03 3.39
N VAL A 129 -32.82 2.89 4.32
CA VAL A 129 -31.50 3.54 4.27
C VAL A 129 -30.75 3.45 5.58
N TYR A 130 -29.53 2.94 5.55
CA TYR A 130 -28.64 3.03 6.69
C TYR A 130 -27.65 4.11 6.39
N GLU A 131 -27.67 5.16 7.18
CA GLU A 131 -26.64 6.21 7.16
C GLU A 131 -25.55 5.75 8.11
N ILE A 132 -24.50 5.13 7.57
CA ILE A 132 -23.48 4.49 8.40
C ILE A 132 -22.45 5.46 9.00
N HIS A 133 -22.44 6.70 8.49
CA HIS A 133 -21.57 7.72 9.06
C HIS A 133 -22.35 8.87 9.64
N GLY A 134 -23.63 8.66 9.88
CA GLY A 134 -24.43 9.67 10.54
C GLY A 134 -24.86 10.71 9.53
N SER A 135 -25.12 11.93 10.01
CA SER A 135 -25.79 12.97 9.23
C SER A 135 -25.29 14.32 9.63
N LEU A 136 -25.01 15.12 8.63
CA LEU A 136 -24.63 16.50 8.79
C LEU A 136 -25.72 17.35 9.50
N PHE A 137 -26.96 16.86 9.47
CA PHE A 137 -28.06 17.58 10.05
C PHE A 137 -28.65 16.94 11.31
N LYS A 138 -27.78 16.32 12.10
CA LYS A 138 -28.12 15.86 13.44
C LYS A 138 -27.02 16.28 14.41
N THR A 139 -27.40 16.64 15.63
CA THR A 139 -26.45 16.99 16.70
C THR A 139 -26.46 15.88 17.72
N ARG A 140 -25.34 15.69 18.44
CA ARG A 140 -25.26 14.80 19.60
C ARG A 140 -24.66 15.56 20.73
N CYS A 141 -25.18 15.39 21.94
CA CYS A 141 -24.70 16.11 23.10
C CYS A 141 -23.53 15.39 23.74
N MET A 142 -22.48 16.15 24.04
CA MET A 142 -21.27 15.67 24.68
C MET A 142 -21.47 15.28 26.14
N SER A 143 -22.47 15.83 26.82
CA SER A 143 -22.74 15.45 28.20
C SER A 143 -23.77 14.31 28.21
N CYS A 144 -24.99 14.61 27.74
CA CYS A 144 -26.13 13.73 27.97
C CYS A 144 -26.42 12.74 26.83
N GLY A 145 -25.89 12.98 25.63
CA GLY A 145 -26.05 12.06 24.52
C GLY A 145 -27.29 12.17 23.65
N GLU A 146 -28.08 13.21 23.82
CA GLU A 146 -29.28 13.37 23.00
C GLU A 146 -28.89 13.57 21.55
N VAL A 147 -29.49 12.78 20.67
CA VAL A 147 -29.42 12.95 19.22
C VAL A 147 -30.72 13.58 18.77
N LYS A 148 -30.64 14.78 18.19
CA LYS A 148 -31.77 15.49 17.60
C LYS A 148 -31.43 15.75 16.16
N ALA A 149 -32.43 15.86 15.29
CA ALA A 149 -32.21 16.45 13.98
C ALA A 149 -31.95 17.94 14.23
N ASN A 150 -31.31 18.59 13.28
CA ASN A 150 -31.09 20.03 13.33
C ASN A 150 -30.76 20.53 11.95
N HIS A 151 -31.70 21.23 11.33
CA HIS A 151 -31.57 21.79 10.00
C HIS A 151 -31.52 23.32 10.06
N LYS A 152 -31.16 23.91 11.20
CA LYS A 152 -31.28 25.36 11.36
C LYS A 152 -30.13 26.11 10.63
N SER A 153 -30.47 27.10 9.84
CA SER A 153 -29.52 28.00 9.24
C SER A 153 -29.58 29.42 9.92
N PRO A 154 -28.70 29.71 10.89
CA PRO A 154 -27.55 28.89 11.27
C PRO A 154 -27.74 28.16 12.57
N ILE A 155 -27.06 27.05 12.70
CA ILE A 155 -27.17 26.22 13.91
C ILE A 155 -27.05 27.02 15.20
N CYS A 156 -26.22 28.05 15.21
CA CYS A 156 -26.21 29.08 16.27
C CYS A 156 -25.80 30.44 15.71
N PRO A 157 -26.30 31.56 16.27
CA PRO A 157 -26.05 32.92 15.67
C PRO A 157 -24.57 33.29 15.48
N ALA A 158 -23.73 32.85 16.42
CA ALA A 158 -22.27 33.00 16.36
C ALA A 158 -21.61 32.47 15.09
N LEU A 159 -22.20 31.45 14.46
CA LEU A 159 -21.69 30.90 13.20
C LEU A 159 -22.27 31.57 11.97
N ASP A 160 -23.17 32.53 12.12
CA ASP A 160 -23.78 33.15 10.95
C ASP A 160 -22.69 33.80 10.13
N GLY A 161 -22.66 33.51 8.83
CA GLY A 161 -21.68 34.14 7.92
C GLY A 161 -20.24 33.68 8.02
N LYS A 162 -19.98 32.62 8.78
CA LYS A 162 -18.63 32.14 9.04
C LYS A 162 -18.36 30.78 8.37
N GLY A 163 -17.24 30.16 8.71
CA GLY A 163 -16.82 28.89 8.14
C GLY A 163 -16.26 28.94 6.74
N ALA A 164 -15.88 30.15 6.26
CA ALA A 164 -15.47 30.30 4.87
C ALA A 164 -14.23 29.45 4.56
N PRO A 165 -14.17 28.87 3.35
CA PRO A 165 -13.16 27.83 3.08
C PRO A 165 -11.73 28.30 2.80
N ASP A 166 -11.54 29.57 2.47
CA ASP A 166 -10.23 30.01 1.97
C ASP A 166 -9.12 29.85 3.02
N PRO A 167 -7.92 29.34 2.59
CA PRO A 167 -6.84 28.94 3.53
C PRO A 167 -6.38 29.98 4.53
N ASN A 168 -6.34 31.25 4.14
CA ASN A 168 -5.92 32.31 5.11
C ASN A 168 -7.13 33.11 5.63
N THR A 169 -8.29 32.45 5.73
CA THR A 169 -9.49 33.05 6.33
C THR A 169 -9.24 33.19 7.82
N LYS A 170 -9.63 34.34 8.33
CA LYS A 170 -9.62 34.62 9.76
C LYS A 170 -10.50 33.64 10.56
N GLU A 171 -9.84 32.87 11.42
CA GLU A 171 -10.46 32.07 12.47
C GLU A 171 -11.51 32.86 13.21
N ALA A 172 -12.65 32.21 13.52
CA ALA A 172 -13.74 32.84 14.27
C ALA A 172 -13.63 32.76 15.77
N ARG A 173 -12.79 31.89 16.31
CA ARG A 173 -12.45 31.77 17.72
C ARG A 173 -13.65 31.99 18.62
N ILE A 174 -14.73 31.27 18.33
CA ILE A 174 -15.99 31.39 19.07
C ILE A 174 -15.76 30.75 20.42
N PRO A 175 -16.17 31.45 21.50
CA PRO A 175 -15.97 30.80 22.79
C PRO A 175 -16.86 29.58 22.91
N VAL A 176 -16.40 28.62 23.70
CA VAL A 176 -17.04 27.32 23.75
C VAL A 176 -18.52 27.43 24.16
N GLU A 177 -18.85 28.38 25.04
CA GLU A 177 -20.22 28.55 25.52
C GLU A 177 -21.17 29.14 24.47
N LEU A 178 -20.63 29.71 23.39
CA LEU A 178 -21.45 30.29 22.29
C LEU A 178 -21.55 29.44 21.03
N LEU A 179 -20.96 28.25 21.09
CA LEU A 179 -21.15 27.23 20.08
C LEU A 179 -22.53 26.55 20.30
N PRO A 180 -22.96 25.67 19.36
CA PRO A 180 -24.23 24.97 19.57
C PRO A 180 -24.31 24.24 20.91
N ARG A 181 -25.35 24.54 21.69
CA ARG A 181 -25.52 23.94 23.03
C ARG A 181 -26.79 23.10 23.10
N CYS A 182 -26.72 22.05 23.91
CA CYS A 182 -27.87 21.16 24.17
C CYS A 182 -29.04 21.97 24.75
N GLU A 183 -30.17 21.90 24.06
CA GLU A 183 -31.39 22.58 24.42
C GLU A 183 -32.02 22.07 25.73
N ARG A 184 -31.50 20.98 26.32
CA ARG A 184 -31.92 20.53 27.63
C ARG A 184 -31.35 21.46 28.68
N LYS A 185 -32.20 22.31 29.23
CA LYS A 185 -31.85 23.10 30.42
C LYS A 185 -31.52 22.16 31.63
N SER A 186 -30.49 22.47 32.39
CA SER A 186 -29.96 21.51 33.36
C SER A 186 -29.00 20.48 32.75
N CYS A 187 -28.75 20.52 31.46
CA CYS A 187 -27.53 19.93 30.91
C CYS A 187 -26.62 21.01 30.35
N ASN A 188 -27.18 21.89 29.50
CA ASN A 188 -26.44 22.83 28.62
C ASN A 188 -25.01 22.40 28.15
N GLY A 189 -24.89 21.14 27.73
CA GLY A 189 -23.64 20.62 27.21
C GLY A 189 -23.27 21.14 25.82
N LEU A 190 -22.00 20.96 25.45
CA LEU A 190 -21.51 21.25 24.08
C LEU A 190 -22.03 20.17 23.08
N LEU A 191 -22.70 20.62 22.02
CA LEU A 191 -23.08 19.71 20.95
C LEU A 191 -21.92 19.41 20.01
N ARG A 192 -21.86 18.17 19.52
CA ARG A 192 -21.01 17.82 18.35
C ARG A 192 -21.91 17.37 17.24
N PRO A 193 -21.51 17.56 15.98
CA PRO A 193 -22.36 17.01 14.93
C PRO A 193 -22.45 15.50 15.12
N HIS A 194 -23.59 14.91 14.77
CA HIS A 194 -23.83 13.45 14.96
C HIS A 194 -23.33 12.64 13.74
N VAL A 195 -22.00 12.60 13.60
CA VAL A 195 -21.30 11.98 12.50
C VAL A 195 -20.24 11.11 13.13
N VAL A 196 -19.80 10.06 12.45
CA VAL A 196 -18.70 9.22 12.94
C VAL A 196 -17.41 9.87 12.48
N TRP A 197 -16.42 9.96 13.37
CA TRP A 197 -15.12 10.55 13.04
C TRP A 197 -14.06 9.48 12.91
N PHE A 198 -13.00 9.84 12.18
CA PHE A 198 -11.94 8.89 11.94
C PHE A 198 -11.34 8.54 13.28
N GLY A 199 -11.26 7.27 13.57
CA GLY A 199 -10.89 6.83 14.89
C GLY A 199 -12.04 6.52 15.83
N GLU A 200 -13.29 6.71 15.40
CA GLU A 200 -14.47 6.31 16.21
C GLU A 200 -15.23 5.12 15.62
N THR A 201 -15.68 4.21 16.49
CA THR A 201 -16.50 3.05 16.07
C THR A 201 -17.79 3.50 15.44
N LEU A 202 -18.29 2.72 14.48
CA LEU A 202 -19.65 2.98 13.93
C LEU A 202 -20.69 2.47 14.94
N ASP A 203 -21.93 2.93 14.81
CA ASP A 203 -22.96 2.52 15.76
C ASP A 203 -23.16 0.99 15.67
N SER A 204 -23.03 0.31 16.82
CA SER A 204 -23.11 -1.15 16.87
C SER A 204 -24.38 -1.80 16.26
N ASP A 205 -25.54 -1.19 16.47
CA ASP A 205 -26.81 -1.71 15.96
C ASP A 205 -26.93 -1.49 14.47
N ILE A 206 -26.64 -0.28 14.01
CA ILE A 206 -26.60 -0.03 12.56
C ILE A 206 -25.66 -1.01 11.85
N LEU A 207 -24.45 -1.20 12.38
CA LEU A 207 -23.45 -2.04 11.66
C LEU A 207 -23.89 -3.50 11.67
N THR A 208 -24.35 -3.96 12.84
CA THR A 208 -24.92 -5.30 13.00
C THR A 208 -25.98 -5.55 11.93
N ALA A 209 -26.88 -4.59 11.77
CA ALA A 209 -27.97 -4.69 10.80
C ALA A 209 -27.43 -4.68 9.39
N VAL A 210 -26.44 -3.82 9.12
CA VAL A 210 -25.83 -3.76 7.79
C VAL A 210 -25.13 -5.08 7.43
N GLU A 211 -24.42 -5.70 8.37
CA GLU A 211 -23.79 -7.00 8.10
C GLU A 211 -24.83 -8.02 7.62
N ARG A 212 -25.95 -8.11 8.34
CA ARG A 212 -27.09 -9.00 7.98
C ARG A 212 -27.69 -8.69 6.60
N GLU A 213 -27.88 -7.42 6.27
CA GLU A 213 -28.39 -7.06 4.95
C GLU A 213 -27.41 -7.53 3.87
N LEU A 214 -26.11 -7.40 4.14
CA LEU A 214 -25.07 -7.87 3.22
C LEU A 214 -25.04 -9.40 3.07
N GLU A 215 -25.25 -10.14 4.17
CA GLU A 215 -25.38 -11.60 4.12
C GLU A 215 -26.60 -12.09 3.31
N LYS A 216 -27.70 -11.34 3.33
CA LYS A 216 -28.91 -11.74 2.61
C LYS A 216 -28.94 -11.26 1.15
N CYS A 217 -28.00 -10.42 0.73
CA CYS A 217 -28.10 -9.82 -0.61
C CYS A 217 -27.60 -10.80 -1.67
N ASP A 218 -28.29 -10.82 -2.81
CA ASP A 218 -27.93 -11.68 -3.94
C ASP A 218 -27.44 -10.86 -5.16
N LEU A 219 -27.32 -9.56 -4.94
CA LEU A 219 -26.69 -8.65 -5.89
C LEU A 219 -26.27 -7.38 -5.10
N CYS A 220 -25.08 -6.85 -5.43
CA CYS A 220 -24.54 -5.69 -4.74
C CYS A 220 -24.06 -4.64 -5.73
N LEU A 221 -24.50 -3.39 -5.53
CA LEU A 221 -24.09 -2.26 -6.36
C LEU A 221 -23.23 -1.38 -5.46
N VAL A 222 -22.18 -0.79 -6.05
CA VAL A 222 -21.23 0.08 -5.32
C VAL A 222 -21.00 1.34 -6.14
N VAL A 223 -21.65 2.42 -5.75
CA VAL A 223 -21.78 3.62 -6.57
C VAL A 223 -21.10 4.83 -5.90
N GLY A 224 -20.10 5.40 -6.61
CA GLY A 224 -19.57 6.69 -6.23
C GLY A 224 -18.82 6.72 -4.92
N THR A 225 -18.10 5.65 -4.65
CA THR A 225 -17.20 5.58 -3.51
C THR A 225 -15.80 5.11 -3.93
N SER A 226 -14.83 5.73 -3.28
CA SER A 226 -13.41 5.49 -3.54
C SER A 226 -12.91 4.19 -2.95
N SER A 227 -13.68 3.56 -2.08
CA SER A 227 -13.29 2.32 -1.41
C SER A 227 -11.94 2.39 -0.70
N ILE A 228 -11.68 3.51 -0.03
CA ILE A 228 -10.50 3.72 0.81
C ILE A 228 -10.83 3.64 2.30
N VAL A 229 -11.90 4.30 2.70
CA VAL A 229 -12.33 4.31 4.12
C VAL A 229 -12.96 2.96 4.51
N TYR A 230 -12.28 2.25 5.42
CA TYR A 230 -12.75 1.05 6.05
CA TYR A 230 -12.75 1.04 6.07
C TYR A 230 -13.66 1.45 7.24
N PRO A 231 -14.68 0.67 7.61
CA PRO A 231 -15.02 -0.64 7.04
C PRO A 231 -15.84 -0.67 5.75
N ALA A 232 -16.60 0.36 5.44
CA ALA A 232 -17.36 0.44 4.20
C ALA A 232 -16.64 -0.15 2.97
N ALA A 233 -15.38 0.22 2.78
CA ALA A 233 -14.53 -0.24 1.67
C ALA A 233 -14.49 -1.77 1.46
N MET A 234 -14.61 -2.52 2.56
CA MET A 234 -14.57 -3.97 2.51
C MET A 234 -15.95 -4.66 2.41
N PHE A 235 -17.08 -3.90 2.42
CA PHE A 235 -18.44 -4.47 2.33
C PHE A 235 -18.65 -5.26 1.03
N ALA A 236 -18.48 -4.58 -0.11
CA ALA A 236 -18.61 -5.22 -1.40
C ALA A 236 -17.54 -6.26 -1.61
N PRO A 237 -16.32 -5.97 -1.17
CA PRO A 237 -15.42 -7.11 -1.19
C PRO A 237 -15.97 -8.37 -0.47
N GLN A 238 -16.52 -8.25 0.75
CA GLN A 238 -16.99 -9.46 1.49
C GLN A 238 -18.17 -10.19 0.81
N VAL A 239 -19.08 -9.42 0.22
CA VAL A 239 -20.18 -9.94 -0.58
C VAL A 239 -19.59 -10.77 -1.75
N ALA A 240 -18.66 -10.18 -2.50
CA ALA A 240 -17.99 -10.89 -3.62
C ALA A 240 -17.25 -12.16 -3.12
N SER A 241 -16.67 -12.12 -1.91
CA SER A 241 -16.14 -13.36 -1.25
C SER A 241 -17.20 -14.50 -1.08
N ARG A 242 -18.48 -14.19 -1.11
CA ARG A 242 -19.54 -15.22 -1.08
C ARG A 242 -20.03 -15.65 -2.48
N GLY A 243 -19.38 -15.21 -3.54
CA GLY A 243 -19.77 -15.54 -4.90
C GLY A 243 -20.93 -14.74 -5.40
N VAL A 244 -21.24 -13.62 -4.76
CA VAL A 244 -22.42 -12.81 -5.14
C VAL A 244 -21.95 -11.77 -6.13
N PRO A 245 -22.72 -11.57 -7.22
CA PRO A 245 -22.20 -10.58 -8.20
C PRO A 245 -22.22 -9.15 -7.66
N VAL A 246 -21.14 -8.42 -7.90
CA VAL A 246 -21.01 -7.03 -7.52
C VAL A 246 -20.70 -6.16 -8.75
N ALA A 247 -21.37 -5.01 -8.86
CA ALA A 247 -21.21 -4.10 -9.97
C ALA A 247 -20.87 -2.66 -9.49
N GLU A 248 -19.68 -2.21 -9.84
CA GLU A 248 -19.21 -0.87 -9.51
C GLU A 248 -19.62 0.18 -10.54
N PHE A 249 -20.15 1.30 -10.06
CA PHE A 249 -20.53 2.44 -10.90
C PHE A 249 -19.68 3.60 -10.39
N ASN A 250 -18.71 4.02 -11.20
CA ASN A 250 -17.67 4.95 -10.78
C ASN A 250 -17.05 5.61 -12.01
N MET A 251 -16.49 6.81 -11.83
CA MET A 251 -15.79 7.50 -12.91
C MET A 251 -14.42 6.87 -13.18
N GLU A 252 -13.87 6.18 -12.17
CA GLU A 252 -12.54 5.57 -12.24
C GLU A 252 -12.54 4.23 -11.52
N CYS A 253 -11.39 3.57 -11.60
CA CYS A 253 -11.13 2.37 -10.83
C CYS A 253 -10.69 2.73 -9.43
N THR A 254 -10.86 1.76 -8.54
CA THR A 254 -10.55 1.91 -7.15
C THR A 254 -9.73 0.66 -6.87
N PRO A 255 -9.00 0.64 -5.74
CA PRO A 255 -8.28 -0.59 -5.45
C PRO A 255 -9.20 -1.81 -5.16
N ALA A 256 -10.53 -1.60 -5.03
CA ALA A 256 -11.47 -2.70 -4.85
C ALA A 256 -12.07 -3.28 -6.17
N THR A 257 -12.04 -2.51 -7.27
CA THR A 257 -12.62 -2.91 -8.56
C THR A 257 -12.27 -4.33 -9.02
N GLN A 258 -10.99 -4.66 -8.91
CA GLN A 258 -10.40 -6.03 -9.05
C GLN A 258 -11.27 -7.19 -8.55
N ARG A 259 -11.97 -7.02 -7.43
CA ARG A 259 -12.71 -8.09 -6.77
C ARG A 259 -14.16 -8.24 -7.28
N PHE A 260 -14.63 -7.32 -8.14
CA PHE A 260 -16.04 -7.31 -8.56
C PHE A 260 -16.27 -7.91 -9.93
N LYS A 261 -17.50 -8.29 -10.20
CA LYS A 261 -17.83 -8.94 -11.46
C LYS A 261 -18.00 -7.92 -12.59
N TYR A 262 -18.69 -6.81 -12.30
CA TYR A 262 -18.94 -5.78 -13.30
C TYR A 262 -18.36 -4.46 -12.89
N HIS A 263 -18.10 -3.60 -13.87
CA HIS A 263 -17.67 -2.23 -13.62
C HIS A 263 -18.18 -1.35 -14.74
N PHE A 264 -18.91 -0.29 -14.40
CA PHE A 264 -19.48 0.61 -15.39
C PHE A 264 -18.93 2.03 -15.17
N GLU A 265 -17.86 2.34 -15.90
CA GLU A 265 -17.22 3.67 -15.91
C GLU A 265 -18.22 4.72 -16.35
N GLY A 266 -18.16 5.88 -15.68
CA GLY A 266 -18.88 7.09 -16.12
C GLY A 266 -19.60 7.82 -15.02
N PRO A 267 -20.19 8.97 -15.33
CA PRO A 267 -20.93 9.70 -14.28
C PRO A 267 -22.20 8.87 -13.95
N CYS A 268 -22.38 8.52 -12.68
CA CYS A 268 -23.47 7.59 -12.29
C CYS A 268 -24.86 8.11 -12.54
N GLY A 269 -25.05 9.42 -12.57
CA GLY A 269 -26.32 10.01 -13.02
C GLY A 269 -26.74 9.60 -14.42
N SER A 270 -25.76 9.21 -15.24
CA SER A 270 -26.02 8.66 -16.57
C SER A 270 -26.01 7.12 -16.61
N THR A 271 -25.02 6.49 -15.99
CA THR A 271 -24.90 5.04 -16.04
C THR A 271 -25.86 4.25 -15.13
N LEU A 272 -26.34 4.85 -14.04
CA LEU A 272 -27.14 4.07 -13.10
C LEU A 272 -28.63 3.89 -13.49
N PRO A 273 -29.32 4.95 -13.92
CA PRO A 273 -30.74 4.81 -14.29
C PRO A 273 -31.06 3.76 -15.39
N PRO A 274 -30.24 3.65 -16.46
CA PRO A 274 -30.46 2.56 -17.43
C PRO A 274 -30.25 1.17 -16.87
N ALA A 275 -29.41 1.05 -15.84
CA ALA A 275 -29.14 -0.23 -15.16
C ALA A 275 -30.21 -0.61 -14.11
N LEU A 276 -30.95 0.37 -13.60
CA LEU A 276 -32.01 0.13 -12.63
C LEU A 276 -33.44 0.02 -13.21
N GLU A 277 -33.64 0.35 -14.50
CA GLU A 277 -34.98 0.33 -15.16
C GLU A 277 -35.87 -0.89 -14.91
N ASP B 3 -7.82 26.47 19.63
CA ASP B 3 -6.61 27.19 19.18
C ASP B 3 -5.23 26.47 19.29
N PRO B 4 -5.15 25.10 19.41
CA PRO B 4 -3.84 24.54 19.04
C PRO B 4 -3.59 24.61 17.52
N PHE B 5 -4.61 24.39 16.69
CA PHE B 5 -4.48 23.92 15.32
C PHE B 5 -4.41 22.39 15.34
N THR B 6 -5.17 21.80 14.44
CA THR B 6 -5.31 20.38 14.36
C THR B 6 -4.27 19.88 13.38
N LYS B 7 -3.73 18.69 13.62
CA LYS B 7 -2.71 18.12 12.76
C LYS B 7 -3.19 17.97 11.30
N MET B 8 -2.34 18.36 10.34
CA MET B 8 -2.57 18.16 8.90
C MET B 8 -1.36 17.43 8.38
N THR B 9 -1.52 16.68 7.29
N THR B 9 -1.53 16.70 7.29
CA THR B 9 -0.35 16.29 6.45
CA THR B 9 -0.43 16.24 6.46
C THR B 9 -0.49 16.92 5.08
C THR B 9 -0.49 16.92 5.09
N ARG B 10 -0.81 18.21 5.10
CA ARG B 10 -0.99 19.02 3.91
C ARG B 10 0.07 20.11 3.94
N PRO B 11 1.00 20.14 2.96
CA PRO B 11 1.96 21.22 2.98
C PRO B 11 1.33 22.58 2.68
N SER B 12 2.12 23.61 2.85
CA SER B 12 1.72 24.99 2.65
C SER B 12 1.09 25.23 1.27
N SER B 13 0.22 26.25 1.19
CA SER B 13 -0.35 26.73 -0.05
C SER B 13 0.10 28.17 -0.34
N ASP B 14 1.17 28.59 0.31
CA ASP B 14 1.62 29.96 0.28
C ASP B 14 2.38 30.27 -1.01
N LEU B 15 1.66 30.72 -2.03
CA LEU B 15 2.19 31.05 -3.37
C LEU B 15 3.30 32.10 -3.29
N THR B 16 3.05 33.14 -2.51
CA THR B 16 4.03 34.15 -2.26
C THR B 16 5.37 33.54 -1.80
N ALA B 17 5.34 32.65 -0.82
CA ALA B 17 6.59 32.05 -0.35
C ALA B 17 7.25 31.19 -1.45
N PHE B 18 6.46 30.44 -2.22
CA PHE B 18 7.01 29.70 -3.38
C PHE B 18 7.62 30.64 -4.44
N ARG B 19 6.92 31.72 -4.80
CA ARG B 19 7.41 32.67 -5.79
C ARG B 19 8.70 33.40 -5.39
N GLU B 20 8.96 33.50 -4.09
CA GLU B 20 10.26 33.93 -3.62
C GLU B 20 11.32 32.93 -3.99
N HIS B 21 11.09 31.62 -3.77
CA HIS B 21 12.06 30.60 -4.20
C HIS B 21 12.25 30.65 -5.72
N PHE B 22 11.15 30.80 -6.43
CA PHE B 22 11.15 30.90 -7.88
C PHE B 22 11.96 32.07 -8.43
N ALA B 23 11.88 33.21 -7.74
CA ALA B 23 12.59 34.42 -8.14
C ALA B 23 14.12 34.24 -8.14
N LYS B 24 14.61 33.43 -7.19
CA LYS B 24 16.04 33.32 -6.90
C LYS B 24 16.61 31.94 -7.26
N ALA B 25 15.84 31.16 -8.05
CA ALA B 25 16.25 29.82 -8.45
C ALA B 25 16.98 29.89 -9.80
N LYS B 26 18.10 29.18 -9.88
CA LYS B 26 18.90 29.16 -11.10
C LYS B 26 18.67 27.92 -11.97
N HIS B 27 18.35 26.76 -11.33
CA HIS B 27 18.10 25.52 -12.03
C HIS B 27 16.79 24.88 -11.58
N ILE B 28 15.73 25.21 -12.32
CA ILE B 28 14.40 24.66 -12.03
C ILE B 28 14.18 23.36 -12.83
N ALA B 29 13.82 22.28 -12.11
CA ALA B 29 13.37 21.04 -12.72
C ALA B 29 11.83 20.92 -12.56
N ILE B 30 11.13 20.91 -13.70
CA ILE B 30 9.71 20.68 -13.77
C ILE B 30 9.36 19.25 -14.23
N ILE B 31 8.73 18.47 -13.36
CA ILE B 31 8.30 17.12 -13.66
C ILE B 31 6.79 17.15 -14.01
N THR B 32 6.38 16.37 -15.04
CA THR B 32 5.00 16.38 -15.49
C THR B 32 4.48 14.96 -15.74
N GLY B 33 3.15 14.82 -15.53
CA GLY B 33 2.38 13.65 -15.93
C GLY B 33 1.16 14.06 -16.72
N ALA B 34 0.27 13.10 -16.91
CA ALA B 34 -0.88 13.25 -17.81
C ALA B 34 -1.79 14.44 -17.47
N GLY B 35 -1.90 14.73 -16.16
CA GLY B 35 -2.63 15.91 -15.66
C GLY B 35 -2.37 17.25 -16.37
N VAL B 36 -1.14 17.42 -16.86
CA VAL B 36 -0.75 18.64 -17.57
C VAL B 36 -1.39 18.75 -18.96
N SER B 37 -1.79 17.62 -19.51
CA SER B 37 -2.47 17.64 -20.78
C SER B 37 -3.98 17.46 -20.63
N ALA B 38 -4.45 17.19 -19.41
CA ALA B 38 -5.89 16.96 -19.20
C ALA B 38 -6.75 18.09 -19.81
N GLU B 39 -6.35 19.33 -19.59
CA GLU B 39 -7.11 20.46 -20.11
C GLU B 39 -7.01 20.73 -21.62
N SER B 40 -6.09 20.06 -22.31
CA SER B 40 -6.04 20.06 -23.77
C SER B 40 -7.04 19.07 -24.39
N GLY B 41 -7.70 18.26 -23.54
CA GLY B 41 -8.66 17.27 -23.98
C GLY B 41 -8.04 15.91 -24.22
N VAL B 42 -6.95 15.60 -23.51
CA VAL B 42 -6.23 14.32 -23.63
C VAL B 42 -6.45 13.55 -22.36
N PRO B 43 -6.99 12.34 -22.44
CA PRO B 43 -7.41 11.72 -21.19
C PRO B 43 -6.19 11.16 -20.45
N THR B 44 -6.36 10.93 -19.16
CA THR B 44 -5.32 10.46 -18.26
C THR B 44 -5.44 8.96 -18.06
N PHE B 45 -4.70 8.37 -17.13
CA PHE B 45 -4.80 6.94 -16.80
C PHE B 45 -5.88 6.52 -15.75
N ARG B 46 -6.49 7.49 -15.08
CA ARG B 46 -7.48 7.13 -14.04
C ARG B 46 -8.87 7.27 -14.61
N GLY B 47 -9.21 8.48 -15.02
CA GLY B 47 -10.57 8.81 -15.50
C GLY B 47 -10.95 8.10 -16.81
N PRO B 48 -11.78 8.74 -17.66
CA PRO B 48 -12.28 8.10 -18.91
C PRO B 48 -11.22 7.41 -19.83
N GLY B 49 -10.04 7.99 -19.93
CA GLY B 49 -9.00 7.45 -20.82
C GLY B 49 -8.14 6.37 -20.24
N GLY B 50 -8.43 5.96 -19.00
CA GLY B 50 -7.78 4.80 -18.42
C GLY B 50 -8.25 3.49 -18.94
N PHE B 51 -9.44 3.52 -19.57
CA PHE B 51 -10.00 2.33 -20.17
C PHE B 51 -9.91 2.50 -21.69
N TRP B 52 -9.49 1.41 -22.37
CA TRP B 52 -9.63 1.25 -23.82
C TRP B 52 -10.12 -0.19 -24.03
N ARG B 53 -11.26 -0.31 -24.70
CA ARG B 53 -12.02 -1.59 -24.80
C ARG B 53 -12.11 -2.30 -23.46
N LYS B 54 -11.78 -3.58 -23.35
CA LYS B 54 -11.87 -4.31 -22.07
C LYS B 54 -10.63 -4.17 -21.15
N TRP B 55 -9.70 -3.29 -21.51
CA TRP B 55 -8.43 -3.22 -20.83
C TRP B 55 -8.23 -1.87 -20.20
N GLN B 56 -7.45 -1.86 -19.13
CA GLN B 56 -6.93 -0.63 -18.58
C GLN B 56 -5.74 -0.28 -19.44
N ALA B 57 -5.46 1.01 -19.62
CA ALA B 57 -4.36 1.42 -20.51
C ALA B 57 -3.03 0.76 -20.14
N GLN B 58 -2.74 0.67 -18.85
CA GLN B 58 -1.50 0.02 -18.40
C GLN B 58 -1.43 -1.50 -18.75
N ASP B 59 -2.58 -2.13 -18.97
CA ASP B 59 -2.59 -3.53 -19.36
C ASP B 59 -1.98 -3.73 -20.75
N LEU B 60 -2.26 -2.81 -21.66
CA LEU B 60 -1.78 -2.89 -23.04
C LEU B 60 -0.36 -2.38 -23.29
N ALA B 61 0.12 -1.49 -22.44
CA ALA B 61 1.49 -0.93 -22.56
C ALA B 61 2.49 -1.84 -21.82
N THR B 62 2.71 -3.00 -22.38
CA THR B 62 3.36 -4.13 -21.71
C THR B 62 3.98 -4.99 -22.80
N PRO B 63 5.15 -5.61 -22.52
CA PRO B 63 5.75 -6.51 -23.53
C PRO B 63 4.92 -7.76 -23.89
N GLU B 64 4.31 -8.39 -22.87
CA GLU B 64 3.42 -9.55 -23.06
C GLU B 64 2.20 -9.21 -23.91
N ALA B 65 1.64 -8.03 -23.72
CA ALA B 65 0.52 -7.59 -24.55
C ALA B 65 0.89 -7.56 -26.02
N PHE B 66 2.05 -6.96 -26.32
CA PHE B 66 2.53 -6.89 -27.71
C PHE B 66 2.88 -8.27 -28.25
N SER B 67 3.64 -9.02 -27.47
CA SER B 67 3.92 -10.41 -27.73
C SER B 67 2.64 -11.17 -28.09
N ARG B 68 1.60 -11.02 -27.25
CA ARG B 68 0.36 -11.77 -27.41
C ARG B 68 -0.51 -11.31 -28.57
N ASP B 69 -0.74 -10.00 -28.69
CA ASP B 69 -1.61 -9.46 -29.74
C ASP B 69 -1.09 -8.15 -30.29
N PRO B 70 -0.02 -8.22 -31.13
CA PRO B 70 0.58 -7.02 -31.69
C PRO B 70 -0.42 -6.15 -32.42
N SER B 71 -1.39 -6.74 -33.07
CA SER B 71 -2.42 -5.98 -33.75
C SER B 71 -3.31 -5.15 -32.79
N LEU B 72 -3.66 -5.74 -31.64
CA LEU B 72 -4.51 -5.05 -30.65
C LEU B 72 -3.79 -3.85 -30.07
N VAL B 73 -2.53 -4.10 -29.67
CA VAL B 73 -1.66 -3.06 -29.12
C VAL B 73 -1.44 -1.95 -30.16
N TRP B 74 -1.29 -2.31 -31.45
CA TRP B 74 -1.11 -1.27 -32.44
C TRP B 74 -2.40 -0.48 -32.67
N GLU B 75 -3.53 -1.14 -32.52
CA GLU B 75 -4.82 -0.44 -32.59
C GLU B 75 -4.93 0.62 -31.52
N PHE B 76 -4.58 0.20 -30.30
CA PHE B 76 -4.55 1.05 -29.11
C PHE B 76 -3.70 2.31 -29.34
N TYR B 77 -2.45 2.11 -29.78
CA TYR B 77 -1.51 3.25 -29.99
C TYR B 77 -1.91 4.08 -31.21
N HIS B 78 -2.53 3.44 -32.22
CA HIS B 78 -3.10 4.14 -33.37
C HIS B 78 -4.25 5.07 -32.96
N TYR B 79 -5.10 4.61 -32.05
CA TYR B 79 -6.20 5.45 -31.50
C TYR B 79 -5.65 6.71 -30.85
N ARG B 80 -4.65 6.50 -30.00
CA ARG B 80 -4.05 7.60 -29.32
C ARG B 80 -3.33 8.55 -30.26
N ARG B 81 -2.60 8.04 -31.23
CA ARG B 81 -1.92 8.91 -32.19
C ARG B 81 -2.94 9.81 -32.87
N GLU B 82 -4.07 9.23 -33.26
CA GLU B 82 -5.08 10.01 -33.99
C GLU B 82 -5.74 11.04 -33.09
N VAL B 83 -6.04 10.67 -31.85
CA VAL B 83 -6.65 11.61 -30.92
C VAL B 83 -5.70 12.78 -30.71
N MET B 84 -4.44 12.49 -30.37
CA MET B 84 -3.41 13.53 -30.16
C MET B 84 -3.18 14.49 -31.30
N ARG B 85 -3.33 14.02 -32.52
CA ARG B 85 -3.19 14.84 -33.73
C ARG B 85 -3.92 16.20 -33.61
N SER B 86 -5.20 16.16 -33.27
CA SER B 86 -6.03 17.35 -33.19
C SER B 86 -5.65 18.29 -32.04
N LYS B 87 -5.26 17.70 -30.90
CA LYS B 87 -5.12 18.41 -29.62
C LYS B 87 -4.05 19.49 -29.64
N MET B 88 -4.19 20.45 -28.72
CA MET B 88 -3.43 21.69 -28.70
C MET B 88 -2.92 22.05 -27.30
N PRO B 89 -1.77 22.74 -27.21
CA PRO B 89 -1.26 23.07 -25.88
C PRO B 89 -2.23 23.97 -25.09
N ASN B 90 -2.49 23.58 -23.84
CA ASN B 90 -3.29 24.34 -22.91
C ASN B 90 -2.42 25.35 -22.18
N PRO B 91 -3.04 26.28 -21.43
CA PRO B 91 -2.22 27.34 -20.86
C PRO B 91 -1.13 26.88 -19.86
N ALA B 92 -1.24 25.70 -19.26
CA ALA B 92 -0.16 25.15 -18.43
C ALA B 92 1.12 24.76 -19.18
N HIS B 93 0.96 24.18 -20.37
CA HIS B 93 2.12 23.84 -21.26
C HIS B 93 2.83 25.10 -21.69
N LEU B 94 2.03 26.06 -22.18
CA LEU B 94 2.54 27.30 -22.75
C LEU B 94 3.21 28.20 -21.74
N ALA B 95 2.73 28.15 -20.49
CA ALA B 95 3.34 28.90 -19.40
C ALA B 95 4.69 28.29 -19.06
N ILE B 96 4.81 26.96 -19.15
CA ILE B 96 6.09 26.32 -18.96
C ILE B 96 7.08 26.74 -20.05
N ALA B 97 6.63 26.80 -21.29
CA ALA B 97 7.49 27.23 -22.40
C ALA B 97 7.92 28.70 -22.26
N GLU B 98 6.97 29.53 -21.82
CA GLU B 98 7.22 30.97 -21.64
C GLU B 98 8.20 31.19 -20.50
N CYS B 99 7.98 30.48 -19.41
CA CYS B 99 8.88 30.51 -18.25
C CYS B 99 10.28 30.12 -18.64
N GLU B 100 10.38 29.07 -19.44
CA GLU B 100 11.65 28.61 -19.93
C GLU B 100 12.31 29.69 -20.80
N ALA B 101 11.52 30.31 -21.68
CA ALA B 101 12.00 31.34 -22.60
C ALA B 101 12.56 32.49 -21.81
N ARG B 102 11.70 33.03 -20.94
CA ARG B 102 12.04 34.21 -20.14
C ARG B 102 13.31 33.96 -19.32
N LEU B 103 13.27 32.96 -18.46
CA LEU B 103 14.40 32.68 -17.55
C LEU B 103 15.76 32.36 -18.22
N GLY B 104 15.73 31.87 -19.45
CA GLY B 104 16.95 31.58 -20.21
C GLY B 104 17.75 32.84 -20.52
N GLN B 105 17.04 33.93 -20.85
CA GLN B 105 17.62 35.26 -21.09
C GLN B 105 18.35 35.81 -19.88
N GLN B 106 17.99 35.36 -18.67
CA GLN B 106 18.69 35.70 -17.44
C GLN B 106 19.67 34.61 -17.01
N GLY B 107 20.03 33.69 -17.92
CA GLY B 107 20.98 32.60 -17.64
C GLY B 107 20.55 31.61 -16.59
N ARG B 108 19.23 31.50 -16.38
CA ARG B 108 18.67 30.53 -15.43
C ARG B 108 18.06 29.40 -16.29
N SER B 109 18.24 28.15 -15.87
CA SER B 109 17.72 26.99 -16.62
C SER B 109 16.44 26.39 -16.05
N VAL B 110 15.57 26.05 -16.98
CA VAL B 110 14.34 25.36 -16.71
C VAL B 110 14.32 24.11 -17.56
N VAL B 111 14.32 22.96 -16.88
CA VAL B 111 14.31 21.66 -17.56
C VAL B 111 12.94 20.99 -17.35
N ILE B 112 12.36 20.43 -18.40
CA ILE B 112 11.10 19.69 -18.32
C ILE B 112 11.40 18.18 -18.44
N ILE B 113 10.90 17.39 -17.51
CA ILE B 113 11.10 15.96 -17.45
C ILE B 113 9.71 15.35 -17.43
N THR B 114 9.25 14.82 -18.56
CA THR B 114 7.84 14.47 -18.72
C THR B 114 7.68 12.97 -18.87
N GLN B 115 6.70 12.45 -18.16
CA GLN B 115 6.26 11.09 -18.35
C GLN B 115 5.38 10.94 -19.59
N ASN B 116 4.86 12.06 -20.12
CA ASN B 116 3.90 12.02 -21.23
C ASN B 116 4.66 11.66 -22.49
N ILE B 117 3.93 11.05 -23.40
CA ILE B 117 4.42 10.65 -24.70
C ILE B 117 3.70 11.41 -25.83
N ASP B 118 3.09 12.56 -25.51
CA ASP B 118 2.19 13.26 -26.45
C ASP B 118 2.85 14.39 -27.25
N GLU B 119 4.09 14.72 -26.89
CA GLU B 119 4.86 15.82 -27.52
C GLU B 119 4.19 17.19 -27.43
N LEU B 120 3.27 17.36 -26.47
CA LEU B 120 2.60 18.65 -26.33
C LEU B 120 3.50 19.71 -25.73
N HIS B 121 4.52 19.32 -24.93
CA HIS B 121 5.57 20.27 -24.51
C HIS B 121 6.36 20.75 -25.74
N HIS B 122 6.73 19.86 -26.66
CA HIS B 122 7.45 20.30 -27.87
C HIS B 122 6.55 21.29 -28.64
N ARG B 123 5.31 20.91 -28.88
CA ARG B 123 4.39 21.78 -29.63
C ARG B 123 4.10 23.11 -28.94
N ALA B 124 4.22 23.12 -27.61
CA ALA B 124 4.13 24.33 -26.81
C ALA B 124 5.27 25.34 -27.02
N GLY B 125 6.44 24.87 -27.45
CA GLY B 125 7.62 25.73 -27.59
C GLY B 125 8.71 25.43 -26.58
N SER B 126 8.46 24.51 -25.65
CA SER B 126 9.49 24.10 -24.72
C SER B 126 10.65 23.44 -25.52
N LYS B 127 11.88 23.75 -25.15
CA LYS B 127 13.07 23.24 -25.85
C LYS B 127 13.88 22.23 -25.04
N HIS B 128 14.07 22.46 -23.75
CA HIS B 128 14.86 21.56 -22.90
C HIS B 128 13.98 20.52 -22.21
N VAL B 129 13.72 19.42 -22.93
CA VAL B 129 12.73 18.43 -22.54
C VAL B 129 13.30 17.01 -22.61
N TYR B 130 13.20 16.26 -21.52
CA TYR B 130 13.48 14.85 -21.57
C TYR B 130 12.16 14.14 -21.56
N GLU B 131 11.89 13.40 -22.64
CA GLU B 131 10.74 12.53 -22.72
C GLU B 131 11.22 11.19 -22.16
N ILE B 132 10.95 10.94 -20.88
CA ILE B 132 11.49 9.77 -20.21
C ILE B 132 10.74 8.44 -20.52
N HIS B 133 9.56 8.57 -21.12
CA HIS B 133 8.84 7.39 -21.56
C HIS B 133 8.65 7.35 -23.06
N GLY B 134 9.44 8.12 -23.78
CA GLY B 134 9.42 8.07 -25.20
C GLY B 134 8.29 8.89 -25.74
N SER B 135 7.83 8.54 -26.93
CA SER B 135 6.94 9.38 -27.72
C SER B 135 6.03 8.51 -28.54
N LEU B 136 4.77 8.88 -28.51
CA LEU B 136 3.74 8.29 -29.33
C LEU B 136 4.01 8.41 -30.84
N PHE B 137 4.85 9.37 -31.21
CA PHE B 137 5.16 9.64 -32.60
C PHE B 137 6.58 9.27 -33.01
N LYS B 138 7.11 8.21 -32.41
CA LYS B 138 8.34 7.59 -32.86
C LYS B 138 8.12 6.08 -32.91
N THR B 139 8.72 5.42 -33.89
CA THR B 139 8.69 3.96 -34.02
C THR B 139 10.08 3.42 -33.70
N ARG B 140 10.17 2.19 -33.21
CA ARG B 140 11.43 1.47 -33.02
C ARG B 140 11.30 0.11 -33.68
N CYS B 141 12.34 -0.33 -34.37
CA CYS B 141 12.30 -1.60 -35.06
C CYS B 141 12.70 -2.73 -34.13
N MET B 142 11.89 -3.80 -34.18
CA MET B 142 12.09 -4.99 -33.38
C MET B 142 13.29 -5.83 -33.85
N SER B 143 13.69 -5.70 -35.11
CA SER B 143 14.86 -6.43 -35.62
C SER B 143 16.11 -5.55 -35.47
N CYS B 144 16.13 -4.41 -36.19
CA CYS B 144 17.35 -3.63 -36.37
C CYS B 144 17.53 -2.48 -35.36
N GLY B 145 16.47 -2.05 -34.71
CA GLY B 145 16.56 -1.02 -33.67
C GLY B 145 16.50 0.44 -34.10
N GLU B 146 16.18 0.70 -35.35
CA GLU B 146 16.14 2.07 -35.81
C GLU B 146 14.97 2.80 -35.14
N VAL B 147 15.27 3.96 -34.56
CA VAL B 147 14.29 4.90 -34.05
C VAL B 147 14.10 6.01 -35.07
N LYS B 148 12.89 6.15 -35.61
CA LYS B 148 12.51 7.24 -36.52
C LYS B 148 11.35 7.96 -35.88
N ALA B 149 11.21 9.24 -36.18
CA ALA B 149 9.96 9.94 -35.91
C ALA B 149 8.95 9.37 -36.90
N ASN B 150 7.67 9.49 -36.58
CA ASN B 150 6.61 9.08 -37.49
C ASN B 150 5.34 9.75 -37.05
N HIS B 151 4.90 10.72 -37.84
CA HIS B 151 3.68 11.48 -37.60
C HIS B 151 2.64 11.17 -38.69
N LYS B 152 2.74 10.02 -39.35
CA LYS B 152 1.89 9.73 -40.51
C LYS B 152 0.45 9.36 -40.07
N SER B 153 -0.54 9.99 -40.69
CA SER B 153 -1.92 9.63 -40.44
C SER B 153 -2.57 8.94 -41.67
N PRO B 154 -2.60 7.61 -41.74
CA PRO B 154 -2.26 6.69 -40.67
C PRO B 154 -0.91 6.02 -40.85
N ILE B 155 -0.32 5.65 -39.72
CA ILE B 155 0.99 5.01 -39.70
C ILE B 155 1.13 3.89 -40.73
N CYS B 156 0.05 3.12 -40.96
CA CYS B 156 -0.04 2.19 -42.10
C CYS B 156 -1.50 2.06 -42.55
N PRO B 157 -1.76 1.75 -43.85
CA PRO B 157 -3.15 1.73 -44.39
C PRO B 157 -4.13 0.77 -43.67
N ALA B 158 -3.61 -0.36 -43.23
CA ALA B 158 -4.37 -1.33 -42.45
C ALA B 158 -5.00 -0.81 -41.17
N LEU B 159 -4.41 0.23 -40.59
CA LEU B 159 -4.95 0.86 -39.38
C LEU B 159 -5.91 2.01 -39.70
N ASP B 160 -6.11 2.35 -40.97
CA ASP B 160 -6.94 3.52 -41.29
C ASP B 160 -8.34 3.27 -40.73
N GLY B 161 -8.86 4.24 -39.98
CA GLY B 161 -10.21 4.17 -39.42
C GLY B 161 -10.47 3.17 -38.29
N LYS B 162 -9.40 2.61 -37.73
CA LYS B 162 -9.53 1.59 -36.70
C LYS B 162 -9.09 2.06 -35.30
N GLY B 163 -8.97 1.13 -34.36
CA GLY B 163 -8.58 1.45 -32.99
C GLY B 163 -9.68 2.05 -32.11
N ALA B 164 -10.93 1.95 -32.52
CA ALA B 164 -12.01 2.62 -31.77
C ALA B 164 -12.14 2.07 -30.33
N PRO B 165 -12.46 2.94 -29.37
CA PRO B 165 -12.32 2.57 -27.94
C PRO B 165 -13.41 1.69 -27.33
N ASP B 166 -14.58 1.58 -27.95
CA ASP B 166 -15.71 0.97 -27.26
C ASP B 166 -15.46 -0.54 -26.98
N PRO B 167 -15.83 -1.02 -25.76
CA PRO B 167 -15.75 -2.44 -25.35
C PRO B 167 -16.30 -3.49 -26.34
N ASN B 168 -17.34 -3.17 -27.08
CA ASN B 168 -17.90 -4.12 -28.06
C ASN B 168 -17.43 -3.89 -29.51
N THR B 169 -16.31 -3.16 -29.66
CA THR B 169 -15.75 -2.84 -30.97
C THR B 169 -15.16 -4.10 -31.55
N LYS B 170 -15.45 -4.34 -32.83
CA LYS B 170 -14.82 -5.40 -33.58
C LYS B 170 -13.29 -5.26 -33.68
N GLU B 171 -12.58 -6.21 -33.08
CA GLU B 171 -11.14 -6.42 -33.28
C GLU B 171 -10.77 -6.32 -34.76
N ALA B 172 -9.65 -5.70 -35.07
CA ALA B 172 -9.17 -5.58 -36.45
C ALA B 172 -8.29 -6.72 -36.93
N ARG B 173 -7.75 -7.52 -36.02
CA ARG B 173 -7.02 -8.75 -36.30
C ARG B 173 -6.16 -8.66 -37.54
N ILE B 174 -5.33 -7.61 -37.56
CA ILE B 174 -4.44 -7.32 -38.70
C ILE B 174 -3.34 -8.37 -38.66
N PRO B 175 -3.04 -8.99 -39.81
CA PRO B 175 -1.92 -9.92 -39.77
C PRO B 175 -0.62 -9.15 -39.53
N VAL B 176 0.32 -9.85 -38.92
CA VAL B 176 1.54 -9.27 -38.45
C VAL B 176 2.31 -8.54 -39.56
N GLU B 177 2.26 -9.08 -40.77
CA GLU B 177 2.96 -8.56 -41.95
C GLU B 177 2.37 -7.24 -42.45
N LEU B 178 1.12 -6.92 -42.06
CA LEU B 178 0.43 -5.69 -42.51
C LEU B 178 0.36 -4.59 -41.46
N LEU B 179 0.99 -4.83 -40.32
CA LEU B 179 1.21 -3.80 -39.32
C LEU B 179 2.38 -2.89 -39.75
N PRO B 180 2.65 -1.79 -39.01
CA PRO B 180 3.77 -0.93 -39.43
C PRO B 180 5.10 -1.69 -39.53
N ARG B 181 5.76 -1.56 -40.68
CA ARG B 181 7.02 -2.27 -40.95
C ARG B 181 8.19 -1.30 -41.13
N CYS B 182 9.37 -1.74 -40.71
CA CYS B 182 10.60 -0.97 -40.89
C CYS B 182 10.87 -0.64 -42.34
N GLU B 183 10.96 0.64 -42.64
CA GLU B 183 11.24 1.12 -44.00
C GLU B 183 12.65 0.78 -44.52
N ARG B 184 13.51 0.28 -43.63
CA ARG B 184 14.94 0.10 -43.94
C ARG B 184 15.12 -1.14 -44.74
N LYS B 185 15.40 -0.92 -46.03
CA LYS B 185 15.87 -1.92 -47.01
C LYS B 185 16.62 -3.19 -46.52
N SER B 186 16.02 -4.37 -46.75
CA SER B 186 16.60 -5.60 -46.27
C SER B 186 16.49 -5.88 -44.76
N CYS B 187 15.65 -5.10 -44.07
CA CYS B 187 15.21 -5.53 -42.74
C CYS B 187 13.77 -6.01 -42.68
N ASN B 188 12.88 -5.19 -43.23
CA ASN B 188 11.40 -5.29 -43.09
C ASN B 188 10.85 -5.94 -41.79
N GLY B 189 11.42 -5.54 -40.66
CA GLY B 189 10.97 -5.98 -39.33
C GLY B 189 9.69 -5.32 -38.89
N LEU B 190 9.10 -5.91 -37.85
CA LEU B 190 7.94 -5.35 -37.16
C LEU B 190 8.32 -4.10 -36.32
N LEU B 191 7.64 -2.99 -36.55
CA LEU B 191 7.83 -1.81 -35.70
C LEU B 191 7.03 -1.94 -34.40
N ARG B 192 7.60 -1.40 -33.32
CA ARG B 192 6.84 -1.13 -32.07
C ARG B 192 6.89 0.36 -31.84
N PRO B 193 5.85 0.92 -31.20
CA PRO B 193 5.99 2.34 -30.89
C PRO B 193 7.20 2.53 -29.97
N HIS B 194 7.88 3.67 -30.10
CA HIS B 194 9.10 3.94 -29.30
C HIS B 194 8.80 4.56 -27.93
N VAL B 195 8.21 3.73 -27.07
CA VAL B 195 7.72 4.12 -25.77
C VAL B 195 8.23 3.08 -24.80
N VAL B 196 8.40 3.42 -23.52
CA VAL B 196 8.84 2.47 -22.50
C VAL B 196 7.58 1.79 -21.98
N TRP B 197 7.62 0.47 -21.82
CA TRP B 197 6.48 -0.31 -21.34
C TRP B 197 6.72 -0.81 -19.94
N PHE B 198 5.62 -1.11 -19.24
CA PHE B 198 5.72 -1.55 -17.88
C PHE B 198 6.52 -2.84 -17.87
N GLY B 199 7.55 -2.87 -17.07
CA GLY B 199 8.50 -3.97 -17.09
C GLY B 199 9.72 -3.75 -17.98
N GLU B 200 9.83 -2.59 -18.65
CA GLU B 200 11.04 -2.26 -19.42
C GLU B 200 11.87 -1.14 -18.80
N THR B 201 13.20 -1.28 -18.81
CA THR B 201 14.09 -0.20 -18.31
C THR B 201 13.94 1.05 -19.15
N LEU B 202 14.14 2.21 -18.51
CA LEU B 202 14.22 3.48 -19.24
C LEU B 202 15.57 3.58 -19.99
N ASP B 203 15.64 4.47 -20.97
CA ASP B 203 16.88 4.62 -21.70
C ASP B 203 18.01 5.06 -20.76
N SER B 204 19.10 4.30 -20.71
CA SER B 204 20.21 4.58 -19.77
C SER B 204 20.82 5.99 -19.83
N ASP B 205 20.97 6.55 -21.03
CA ASP B 205 21.57 7.86 -21.20
C ASP B 205 20.59 8.96 -20.78
N ILE B 206 19.34 8.88 -21.23
CA ILE B 206 18.32 9.79 -20.76
C ILE B 206 18.23 9.80 -19.25
N LEU B 207 18.18 8.62 -18.61
CA LEU B 207 17.94 8.56 -17.14
C LEU B 207 19.15 9.10 -16.41
N THR B 208 20.35 8.71 -16.88
CA THR B 208 21.62 9.21 -16.34
C THR B 208 21.61 10.74 -16.34
N ALA B 209 21.19 11.32 -17.48
CA ALA B 209 21.13 12.77 -17.62
C ALA B 209 20.10 13.36 -16.69
N VAL B 210 18.94 12.72 -16.59
CA VAL B 210 17.88 13.20 -15.72
C VAL B 210 18.30 13.17 -14.24
N GLU B 211 18.99 12.11 -13.79
CA GLU B 211 19.49 12.06 -12.42
C GLU B 211 20.35 13.29 -12.11
N ARG B 212 21.31 13.59 -13.00
CA ARG B 212 22.18 14.78 -12.89
C ARG B 212 21.44 16.11 -12.87
N GLU B 213 20.42 16.27 -13.74
CA GLU B 213 19.61 17.48 -13.72
C GLU B 213 18.92 17.63 -12.36
N LEU B 214 18.46 16.52 -11.81
CA LEU B 214 17.81 16.52 -10.49
C LEU B 214 18.76 16.81 -9.34
N GLU B 215 20.00 16.32 -9.42
CA GLU B 215 21.05 16.68 -8.43
C GLU B 215 21.41 18.16 -8.45
N LYS B 216 21.39 18.81 -9.62
CA LYS B 216 21.78 20.21 -9.69
C LYS B 216 20.62 21.17 -9.56
N CYS B 217 19.39 20.67 -9.41
CA CYS B 217 18.23 21.60 -9.34
C CYS B 217 18.12 22.15 -7.90
N ASP B 218 17.76 23.42 -7.82
CA ASP B 218 17.57 24.11 -6.54
C ASP B 218 16.08 24.46 -6.29
N LEU B 219 15.23 24.00 -7.22
CA LEU B 219 13.80 24.05 -7.05
C LEU B 219 13.17 23.00 -7.98
N CYS B 220 12.12 22.30 -7.50
CA CYS B 220 11.48 21.24 -8.28
C CYS B 220 9.95 21.43 -8.27
N LEU B 221 9.35 21.37 -9.46
CA LEU B 221 7.91 21.41 -9.60
C LEU B 221 7.46 20.04 -10.08
N VAL B 222 6.31 19.56 -9.57
CA VAL B 222 5.75 18.26 -9.96
C VAL B 222 4.26 18.45 -10.28
N VAL B 223 3.94 18.47 -11.58
CA VAL B 223 2.64 18.88 -12.08
C VAL B 223 1.90 17.72 -12.78
N GLY B 224 0.73 17.38 -12.27
CA GLY B 224 -0.22 16.57 -13.02
C GLY B 224 0.19 15.11 -13.11
N THR B 225 0.83 14.60 -12.06
CA THR B 225 1.18 13.20 -11.99
C THR B 225 0.73 12.56 -10.67
N SER B 226 0.33 11.29 -10.75
CA SER B 226 -0.19 10.56 -9.63
C SER B 226 0.88 10.05 -8.70
N SER B 227 2.15 10.10 -9.12
CA SER B 227 3.25 9.58 -8.31
C SER B 227 3.09 8.12 -7.84
N ILE B 228 2.57 7.28 -8.74
CA ILE B 228 2.51 5.82 -8.51
C ILE B 228 3.55 5.07 -9.34
N VAL B 229 3.73 5.47 -10.59
CA VAL B 229 4.69 4.79 -11.49
C VAL B 229 6.13 5.13 -11.15
N TYR B 230 6.89 4.13 -10.72
CA TYR B 230 8.34 4.24 -10.51
C TYR B 230 8.99 3.90 -11.88
N PRO B 231 10.16 4.47 -12.25
CA PRO B 231 10.80 5.55 -11.56
C PRO B 231 10.16 6.76 -12.25
N ALA B 232 9.94 7.75 -11.48
CA ALA B 232 9.38 9.03 -11.93
C ALA B 232 8.78 9.44 -10.62
N ALA B 233 7.92 8.60 -10.04
CA ALA B 233 7.31 8.81 -8.73
C ALA B 233 8.25 9.20 -7.59
N MET B 234 9.47 8.65 -7.64
CA MET B 234 10.47 8.91 -6.62
C MET B 234 11.45 10.09 -6.92
N PHE B 235 11.35 10.72 -8.10
CA PHE B 235 12.23 11.85 -8.50
C PHE B 235 12.14 13.05 -7.52
N ALA B 236 10.93 13.61 -7.40
CA ALA B 236 10.67 14.70 -6.50
C ALA B 236 10.85 14.26 -5.06
N PRO B 237 10.42 13.05 -4.72
CA PRO B 237 10.86 12.62 -3.41
C PRO B 237 12.39 12.74 -3.17
N GLN B 238 13.23 12.26 -4.09
CA GLN B 238 14.70 12.30 -3.86
C GLN B 238 15.29 13.73 -3.77
N VAL B 239 14.77 14.63 -4.59
CA VAL B 239 15.11 16.04 -4.55
C VAL B 239 14.79 16.59 -3.14
N ALA B 240 13.55 16.37 -2.67
CA ALA B 240 13.17 16.81 -1.33
C ALA B 240 14.04 16.18 -0.23
N SER B 241 14.46 14.92 -0.40
CA SER B 241 15.50 14.31 0.49
C SER B 241 16.85 15.11 0.57
N ARG B 242 17.14 15.96 -0.40
CA ARG B 242 18.32 16.83 -0.33
C ARG B 242 18.03 18.24 0.24
N GLY B 243 16.84 18.47 0.78
CA GLY B 243 16.48 19.75 1.35
C GLY B 243 16.08 20.78 0.31
N VAL B 244 15.78 20.36 -0.90
CA VAL B 244 15.46 21.28 -1.99
C VAL B 244 13.95 21.48 -2.02
N PRO B 245 13.50 22.74 -2.15
CA PRO B 245 12.03 22.88 -2.10
C PRO B 245 11.32 22.27 -3.31
N VAL B 246 10.23 21.55 -3.05
CA VAL B 246 9.40 20.93 -4.08
C VAL B 246 7.94 21.42 -3.92
N ALA B 247 7.33 21.76 -5.06
CA ALA B 247 5.96 22.21 -5.10
C ALA B 247 5.09 21.37 -6.07
N GLU B 248 4.11 20.67 -5.50
CA GLU B 248 3.16 19.87 -6.26
C GLU B 248 1.96 20.69 -6.77
N PHE B 249 1.64 20.53 -8.04
CA PHE B 249 0.48 21.14 -8.66
C PHE B 249 -0.39 19.97 -9.14
N ASN B 250 -1.53 19.76 -8.46
CA ASN B 250 -2.35 18.60 -8.67
C ASN B 250 -3.79 18.89 -8.23
N MET B 251 -4.74 18.14 -8.77
CA MET B 251 -6.17 18.27 -8.37
C MET B 251 -6.39 17.65 -6.99
N GLU B 252 -5.53 16.71 -6.59
CA GLU B 252 -5.67 15.95 -5.35
C GLU B 252 -4.29 15.68 -4.74
N CYS B 253 -4.30 15.06 -3.57
CA CYS B 253 -3.11 14.53 -2.95
C CYS B 253 -2.74 13.20 -3.56
N THR B 254 -1.46 12.88 -3.39
CA THR B 254 -0.86 11.67 -3.88
C THR B 254 -0.12 11.15 -2.69
N PRO B 255 0.27 9.86 -2.71
CA PRO B 255 1.05 9.41 -1.54
C PRO B 255 2.43 10.07 -1.43
N ALA B 256 2.87 10.85 -2.43
CA ALA B 256 4.13 11.63 -2.34
C ALA B 256 3.99 13.07 -1.76
N THR B 257 2.79 13.65 -1.78
CA THR B 257 2.55 15.03 -1.34
C THR B 257 3.16 15.38 0.03
N GLN B 258 2.96 14.46 0.99
CA GLN B 258 3.60 14.46 2.32
C GLN B 258 5.08 14.91 2.37
N ARG B 259 5.86 14.57 1.36
CA ARG B 259 7.31 14.83 1.34
C ARG B 259 7.68 16.21 0.77
N PHE B 260 6.72 16.97 0.24
CA PHE B 260 7.01 18.23 -0.44
C PHE B 260 6.71 19.46 0.42
N LYS B 261 7.34 20.57 0.07
CA LYS B 261 7.20 21.79 0.85
C LYS B 261 5.91 22.50 0.54
N TYR B 262 5.56 22.59 -0.76
CA TYR B 262 4.33 23.26 -1.19
C TYR B 262 3.41 22.33 -1.91
N HIS B 263 2.12 22.65 -1.88
CA HIS B 263 1.12 21.93 -2.64
C HIS B 263 0.03 22.90 -3.07
N PHE B 264 -0.24 22.95 -4.37
CA PHE B 264 -1.27 23.86 -4.90
C PHE B 264 -2.35 23.05 -5.62
N GLU B 265 -3.41 22.73 -4.86
CA GLU B 265 -4.62 22.04 -5.37
C GLU B 265 -5.27 22.85 -6.49
N GLY B 266 -5.71 22.15 -7.53
CA GLY B 266 -6.57 22.70 -8.59
C GLY B 266 -6.22 22.26 -9.99
N PRO B 267 -7.01 22.64 -10.99
CA PRO B 267 -6.60 22.39 -12.38
C PRO B 267 -5.36 23.21 -12.71
N CYS B 268 -4.28 22.55 -13.13
CA CYS B 268 -2.98 23.22 -13.32
C CYS B 268 -2.98 24.28 -14.41
N GLY B 269 -3.85 24.18 -15.39
CA GLY B 269 -4.05 25.30 -16.34
C GLY B 269 -4.45 26.63 -15.67
N SER B 270 -5.00 26.57 -14.46
CA SER B 270 -5.28 27.76 -13.67
C SER B 270 -4.20 28.07 -12.62
N THR B 271 -3.76 27.06 -11.88
CA THR B 271 -2.77 27.26 -10.83
C THR B 271 -1.32 27.46 -11.29
N LEU B 272 -0.94 26.95 -12.46
CA LEU B 272 0.48 27.00 -12.85
C LEU B 272 0.94 28.33 -13.45
N PRO B 273 0.18 28.95 -14.37
CA PRO B 273 0.60 30.21 -14.97
C PRO B 273 0.88 31.38 -14.00
N PRO B 274 0.03 31.58 -12.96
CA PRO B 274 0.37 32.61 -11.97
C PRO B 274 1.63 32.32 -11.15
N ALA B 275 1.96 31.02 -11.00
CA ALA B 275 3.17 30.58 -10.30
C ALA B 275 4.45 30.65 -11.14
N LEU B 276 4.32 30.66 -12.47
CA LEU B 276 5.47 30.73 -13.37
C LEU B 276 5.78 32.10 -13.92
N GLU B 277 4.85 33.03 -13.71
CA GLU B 277 5.09 34.39 -14.12
C GLU B 277 6.22 34.81 -13.18
N PRO C 4 25.59 17.50 11.13
CA PRO C 4 24.21 17.81 10.81
C PRO C 4 23.23 16.73 11.19
N PHE C 5 23.60 15.44 11.03
CA PHE C 5 22.78 14.29 11.41
C PHE C 5 21.70 14.02 10.38
N THR C 6 21.56 12.74 10.09
CA THR C 6 20.85 12.31 8.91
C THR C 6 19.44 12.00 9.33
N LYS C 7 18.47 12.29 8.47
CA LYS C 7 17.07 12.09 8.82
C LYS C 7 16.79 10.59 9.04
N MET C 8 16.00 10.26 10.06
CA MET C 8 15.47 8.89 10.29
C MET C 8 13.97 8.97 10.30
N THR C 9 13.31 7.86 9.98
CA THR C 9 11.88 7.70 10.33
C THR C 9 11.70 6.59 11.38
N ARG C 10 12.61 6.60 12.35
CA ARG C 10 12.71 5.61 13.39
C ARG C 10 12.48 6.30 14.72
N PRO C 11 11.43 5.94 15.46
CA PRO C 11 11.28 6.62 16.76
C PRO C 11 12.36 6.24 17.73
N SER C 12 12.41 6.98 18.83
CA SER C 12 13.42 6.80 19.89
C SER C 12 13.47 5.36 20.40
N SER C 13 14.64 4.98 20.93
CA SER C 13 14.82 3.71 21.63
C SER C 13 15.19 3.94 23.08
N ASP C 14 14.89 5.15 23.56
CA ASP C 14 15.37 5.60 24.87
C ASP C 14 14.46 5.01 25.97
N LEU C 15 14.86 3.85 26.50
CA LEU C 15 14.11 3.12 27.56
C LEU C 15 13.93 3.98 28.81
N THR C 16 15.00 4.66 29.21
CA THR C 16 14.91 5.60 30.31
C THR C 16 13.76 6.59 30.14
N ALA C 17 13.64 7.22 28.99
CA ALA C 17 12.54 8.19 28.78
C ALA C 17 11.18 7.50 28.83
N PHE C 18 11.06 6.30 28.25
CA PHE C 18 9.81 5.51 28.36
C PHE C 18 9.48 5.14 29.82
N ARG C 19 10.47 4.65 30.56
CA ARG C 19 10.27 4.24 31.96
C ARG C 19 9.85 5.41 32.89
N GLU C 20 10.18 6.64 32.51
CA GLU C 20 9.63 7.81 33.17
C GLU C 20 8.12 7.90 32.94
N HIS C 21 7.66 7.72 31.70
CA HIS C 21 6.20 7.72 31.45
C HIS C 21 5.54 6.57 32.22
N PHE C 22 6.19 5.41 32.21
CA PHE C 22 5.70 4.23 32.91
C PHE C 22 5.56 4.42 34.42
N ALA C 23 6.50 5.15 35.01
CA ALA C 23 6.49 5.42 36.45
C ALA C 23 5.25 6.20 36.89
N LYS C 24 4.75 7.08 36.03
CA LYS C 24 3.69 8.02 36.37
C LYS C 24 2.38 7.76 35.64
N ALA C 25 2.26 6.57 35.05
CA ALA C 25 1.06 6.23 34.25
C ALA C 25 0.03 5.51 35.12
N LYS C 26 -1.23 5.92 35.00
CA LYS C 26 -2.33 5.32 35.78
C LYS C 26 -3.12 4.25 34.97
N HIS C 27 -3.23 4.43 33.66
CA HIS C 27 -4.00 3.55 32.80
C HIS C 27 -3.20 3.10 31.58
N ILE C 28 -2.52 1.98 31.73
CA ILE C 28 -1.73 1.40 30.62
C ILE C 28 -2.60 0.45 29.79
N ALA C 29 -2.65 0.68 28.48
CA ALA C 29 -3.27 -0.25 27.52
C ALA C 29 -2.18 -0.97 26.72
N ILE C 30 -2.11 -2.28 26.90
CA ILE C 30 -1.19 -3.15 26.15
C ILE C 30 -1.92 -3.94 25.04
N ILE C 31 -1.58 -3.65 23.80
CA ILE C 31 -2.12 -4.34 22.64
C ILE C 31 -1.13 -5.43 22.18
N THR C 32 -1.63 -6.61 21.80
CA THR C 32 -0.81 -7.75 21.48
C THR C 32 -1.28 -8.47 20.22
N GLY C 33 -0.31 -9.05 19.51
CA GLY C 33 -0.53 -9.96 18.40
C GLY C 33 0.30 -11.21 18.59
N ALA C 34 0.35 -11.99 17.51
CA ALA C 34 0.95 -13.32 17.53
C ALA C 34 2.41 -13.34 17.99
N GLY C 35 3.15 -12.27 17.66
CA GLY C 35 4.53 -12.07 18.13
C GLY C 35 4.82 -12.30 19.62
N VAL C 36 3.80 -12.03 20.45
CA VAL C 36 3.90 -12.23 21.91
C VAL C 36 3.93 -13.69 22.29
N SER C 37 3.38 -14.54 21.43
CA SER C 37 3.40 -15.96 21.69
C SER C 37 4.46 -16.67 20.88
N ALA C 38 5.14 -15.96 19.98
CA ALA C 38 6.19 -16.60 19.16
C ALA C 38 7.19 -17.39 20.04
N GLU C 39 7.62 -16.81 21.15
CA GLU C 39 8.58 -17.48 22.02
C GLU C 39 8.04 -18.64 22.88
N SER C 40 6.73 -18.79 22.93
CA SER C 40 6.10 -19.99 23.51
C SER C 40 6.07 -21.18 22.54
N GLY C 41 6.49 -20.96 21.30
CA GLY C 41 6.52 -21.97 20.27
C GLY C 41 5.25 -22.02 19.44
N VAL C 42 4.54 -20.90 19.31
CA VAL C 42 3.26 -20.80 18.57
C VAL C 42 3.50 -19.98 17.34
N PRO C 43 3.24 -20.54 16.15
CA PRO C 43 3.64 -19.79 14.97
C PRO C 43 2.68 -18.63 14.72
N THR C 44 3.14 -17.68 13.91
CA THR C 44 2.40 -16.47 13.57
C THR C 44 1.72 -16.66 12.22
N PHE C 45 1.13 -15.60 11.67
CA PHE C 45 0.50 -15.64 10.33
C PHE C 45 1.43 -15.35 9.12
N ARG C 46 2.67 -14.95 9.37
CA ARG C 46 3.61 -14.60 8.29
C ARG C 46 4.51 -15.81 8.04
N GLY C 47 5.27 -16.19 9.07
CA GLY C 47 6.22 -17.27 9.02
C GLY C 47 5.65 -18.66 8.73
N PRO C 48 6.32 -19.74 9.19
CA PRO C 48 5.85 -21.13 8.92
C PRO C 48 4.36 -21.45 9.19
N GLY C 49 3.79 -20.85 10.23
CA GLY C 49 2.40 -21.09 10.61
C GLY C 49 1.36 -20.30 9.84
N GLY C 50 1.79 -19.49 8.87
CA GLY C 50 0.89 -18.84 7.94
C GLY C 50 0.35 -19.77 6.89
N PHE C 51 0.93 -20.95 6.73
CA PHE C 51 0.49 -21.94 5.77
C PHE C 51 -0.10 -23.12 6.55
N TRP C 52 -1.24 -23.64 6.07
CA TRP C 52 -1.77 -24.96 6.44
C TRP C 52 -2.27 -25.60 5.15
N ARG C 53 -1.78 -26.80 4.85
CA ARG C 53 -1.97 -27.48 3.54
C ARG C 53 -1.76 -26.51 2.38
N LYS C 54 -2.70 -26.42 1.42
CA LYS C 54 -2.51 -25.51 0.28
C LYS C 54 -3.00 -24.08 0.50
N TRP C 55 -3.33 -23.74 1.75
CA TRP C 55 -3.95 -22.47 2.05
C TRP C 55 -3.08 -21.65 2.96
N GLN C 56 -3.25 -20.33 2.83
CA GLN C 56 -2.73 -19.42 3.83
C GLN C 56 -3.75 -19.44 4.97
N ALA C 57 -3.31 -19.25 6.20
CA ALA C 57 -4.22 -19.34 7.35
C ALA C 57 -5.41 -18.40 7.20
N GLN C 58 -5.18 -17.18 6.71
CA GLN C 58 -6.27 -16.22 6.49
CA GLN C 58 -6.26 -16.20 6.47
C GLN C 58 -7.30 -16.70 5.44
N ASP C 59 -6.91 -17.60 4.55
CA ASP C 59 -7.82 -18.14 3.54
C ASP C 59 -8.93 -18.98 4.20
N LEU C 60 -8.56 -19.76 5.22
CA LEU C 60 -9.48 -20.65 5.90
C LEU C 60 -10.32 -20.02 7.01
N ALA C 61 -9.85 -18.91 7.59
CA ALA C 61 -10.57 -18.19 8.65
C ALA C 61 -11.54 -17.17 8.03
N THR C 62 -12.56 -17.69 7.40
CA THR C 62 -13.41 -16.94 6.47
C THR C 62 -14.78 -17.63 6.48
N PRO C 63 -15.88 -16.87 6.32
CA PRO C 63 -17.21 -17.52 6.26
C PRO C 63 -17.43 -18.45 5.05
N GLU C 64 -16.97 -18.03 3.86
CA GLU C 64 -17.04 -18.85 2.64
C GLU C 64 -16.29 -20.17 2.76
N ALA C 65 -15.13 -20.15 3.42
CA ALA C 65 -14.39 -21.38 3.65
C ALA C 65 -15.23 -22.38 4.44
N PHE C 66 -15.84 -21.92 5.53
CA PHE C 66 -16.69 -22.79 6.35
C PHE C 66 -17.95 -23.22 5.60
N SER C 67 -18.63 -22.27 4.98
CA SER C 67 -19.71 -22.53 4.08
C SER C 67 -19.35 -23.64 3.08
N ARG C 68 -18.19 -23.49 2.43
CA ARG C 68 -17.77 -24.42 1.36
C ARG C 68 -17.33 -25.78 1.86
N ASP C 69 -16.47 -25.82 2.88
CA ASP C 69 -15.94 -27.10 3.38
C ASP C 69 -15.80 -27.07 4.90
N PRO C 70 -16.94 -27.19 5.62
CA PRO C 70 -16.92 -27.14 7.07
C PRO C 70 -15.98 -28.15 7.68
N SER C 71 -15.86 -29.32 7.06
CA SER C 71 -14.94 -30.34 7.54
C SER C 71 -13.47 -29.93 7.46
N LEU C 72 -13.09 -29.25 6.36
CA LEU C 72 -11.69 -28.83 6.15
C LEU C 72 -11.33 -27.77 7.21
N VAL C 73 -12.21 -26.78 7.35
CA VAL C 73 -12.04 -25.71 8.32
C VAL C 73 -12.00 -26.28 9.75
N TRP C 74 -12.81 -27.29 10.04
CA TRP C 74 -12.72 -27.90 11.37
C TRP C 74 -11.42 -28.68 11.58
N GLU C 75 -10.92 -29.26 10.52
CA GLU C 75 -9.60 -29.91 10.57
C GLU C 75 -8.52 -28.93 10.96
N PHE C 76 -8.55 -27.80 10.25
CA PHE C 76 -7.63 -26.66 10.46
C PHE C 76 -7.64 -26.20 11.92
N TYR C 77 -8.83 -25.92 12.45
CA TYR C 77 -8.94 -25.40 13.84
C TYR C 77 -8.64 -26.49 14.86
N HIS C 78 -8.95 -27.75 14.52
CA HIS C 78 -8.56 -28.90 15.36
C HIS C 78 -7.03 -29.03 15.47
N TYR C 79 -6.31 -28.81 14.35
CA TYR C 79 -4.84 -28.84 14.36
C TYR C 79 -4.26 -27.82 15.33
N ARG C 80 -4.78 -26.60 15.18
CA ARG C 80 -4.32 -25.52 16.01
C ARG C 80 -4.66 -25.76 17.49
N ARG C 81 -5.88 -26.23 17.78
CA ARG C 81 -6.22 -26.52 19.18
C ARG C 81 -5.25 -27.49 19.78
N GLU C 82 -4.89 -28.53 19.03
CA GLU C 82 -4.01 -29.58 19.56
C GLU C 82 -2.59 -29.04 19.74
N VAL C 83 -2.11 -28.23 18.80
CA VAL C 83 -0.77 -27.63 18.95
C VAL C 83 -0.74 -26.76 20.20
N MET C 84 -1.69 -25.86 20.32
CA MET C 84 -1.80 -24.94 21.48
C MET C 84 -1.88 -25.62 22.84
N ARG C 85 -2.49 -26.79 22.89
CA ARG C 85 -2.62 -27.57 24.13
C ARG C 85 -1.31 -27.64 24.93
N SER C 86 -0.24 -28.05 24.27
CA SER C 86 1.06 -28.24 24.91
C SER C 86 1.72 -26.94 25.39
N LYS C 87 1.53 -25.86 24.62
CA LYS C 87 2.32 -24.61 24.76
C LYS C 87 2.13 -23.90 26.09
N MET C 88 3.08 -23.06 26.44
CA MET C 88 3.18 -22.46 27.80
C MET C 88 3.53 -20.98 27.78
N PRO C 89 3.07 -20.21 28.77
CA PRO C 89 3.41 -18.77 28.75
C PRO C 89 4.91 -18.49 28.78
N ASN C 90 5.36 -17.63 27.87
CA ASN C 90 6.73 -17.18 27.81
C ASN C 90 6.92 -15.96 28.72
N PRO C 91 8.18 -15.56 28.95
CA PRO C 91 8.37 -14.50 29.93
C PRO C 91 7.72 -13.14 29.60
N ALA C 92 7.38 -12.86 28.34
CA ALA C 92 6.61 -11.64 27.99
C ALA C 92 5.18 -11.63 28.50
N HIS C 93 4.51 -12.79 28.42
CA HIS C 93 3.13 -12.95 28.96
C HIS C 93 3.12 -12.75 30.45
N LEU C 94 4.04 -13.45 31.11
CA LEU C 94 4.13 -13.49 32.57
C LEU C 94 4.52 -12.14 33.17
N ALA C 95 5.32 -11.38 32.45
CA ALA C 95 5.72 -10.04 32.86
C ALA C 95 4.53 -9.10 32.76
N ILE C 96 3.68 -9.30 31.74
CA ILE C 96 2.45 -8.54 31.65
C ILE C 96 1.52 -8.86 32.82
N ALA C 97 1.40 -10.12 33.19
CA ALA C 97 0.55 -10.51 34.32
C ALA C 97 1.10 -9.95 35.65
N GLU C 98 2.43 -9.99 35.81
CA GLU C 98 3.10 -9.49 37.02
C GLU C 98 2.93 -7.99 37.14
N CYS C 99 3.14 -7.31 36.02
CA CYS C 99 2.95 -5.87 35.96
C CYS C 99 1.54 -5.49 36.33
N GLU C 100 0.59 -6.24 35.80
CA GLU C 100 -0.81 -6.04 36.12
C GLU C 100 -1.07 -6.24 37.61
N ALA C 101 -0.49 -7.30 38.18
CA ALA C 101 -0.67 -7.64 39.57
C ALA C 101 -0.15 -6.51 40.43
N ARG C 102 1.11 -6.18 40.22
CA ARG C 102 1.80 -5.16 41.01
C ARG C 102 1.04 -3.81 40.96
N LEU C 103 0.88 -3.27 39.75
CA LEU C 103 0.25 -1.95 39.57
C LEU C 103 -1.19 -1.82 40.07
N GLY C 104 -1.92 -2.93 40.13
CA GLY C 104 -3.30 -2.93 40.64
C GLY C 104 -3.38 -2.55 42.10
N GLN C 105 -2.42 -3.04 42.89
CA GLN C 105 -2.29 -2.70 44.32
C GLN C 105 -2.09 -1.24 44.58
N GLN C 106 -1.56 -0.51 43.59
CA GLN C 106 -1.42 0.96 43.65
C GLN C 106 -2.55 1.67 42.89
N GLY C 107 -3.65 0.97 42.61
CA GLY C 107 -4.82 1.54 41.90
C GLY C 107 -4.56 2.01 40.49
N ARG C 108 -3.53 1.45 39.85
CA ARG C 108 -3.18 1.78 38.49
C ARG C 108 -3.63 0.55 37.65
N SER C 109 -4.25 0.81 36.49
CA SER C 109 -4.79 -0.23 35.62
C SER C 109 -3.90 -0.56 34.45
N VAL C 110 -3.80 -1.87 34.20
CA VAL C 110 -3.13 -2.43 33.06
C VAL C 110 -4.15 -3.31 32.35
N VAL C 111 -4.49 -2.92 31.13
CA VAL C 111 -5.49 -3.64 30.34
C VAL C 111 -4.81 -4.31 29.15
N ILE C 112 -5.12 -5.58 28.90
CA ILE C 112 -4.59 -6.32 27.76
C ILE C 112 -5.67 -6.48 26.69
N ILE C 113 -5.37 -6.07 25.46
CA ILE C 113 -6.28 -6.16 24.34
C ILE C 113 -5.57 -6.99 23.28
N THR C 114 -5.95 -8.27 23.13
CA THR C 114 -5.17 -9.21 22.35
C THR C 114 -5.93 -9.66 21.11
N GLN C 115 -5.21 -9.69 20.00
CA GLN C 115 -5.69 -10.31 18.79
C GLN C 115 -5.62 -11.84 18.85
N ASN C 116 -4.83 -12.38 19.79
CA ASN C 116 -4.58 -13.80 19.87
C ASN C 116 -5.82 -14.50 20.36
N ILE C 117 -5.93 -15.76 19.92
CA ILE C 117 -7.01 -16.63 20.33
C ILE C 117 -6.48 -17.85 21.12
N ASP C 118 -5.28 -17.73 21.69
CA ASP C 118 -4.57 -18.90 22.26
C ASP C 118 -4.73 -19.06 23.78
N GLU C 119 -5.36 -18.07 24.41
CA GLU C 119 -5.59 -18.03 25.86
C GLU C 119 -4.31 -18.04 26.68
N LEU C 120 -3.17 -17.68 26.09
CA LEU C 120 -1.92 -17.73 26.83
C LEU C 120 -1.81 -16.58 27.84
N HIS C 121 -2.46 -15.43 27.58
CA HIS C 121 -2.55 -14.37 28.58
C HIS C 121 -3.37 -14.88 29.78
N HIS C 122 -4.51 -15.58 29.56
CA HIS C 122 -5.27 -16.12 30.69
C HIS C 122 -4.38 -17.09 31.48
N ARG C 123 -3.74 -18.03 30.79
CA ARG C 123 -2.89 -19.00 31.47
C ARG C 123 -1.68 -18.39 32.18
N ALA C 124 -1.24 -17.24 31.69
CA ALA C 124 -0.22 -16.43 32.34
C ALA C 124 -0.63 -15.82 33.71
N GLY C 125 -1.92 -15.64 33.94
CA GLY C 125 -2.40 -14.98 35.15
C GLY C 125 -2.98 -13.60 34.91
N SER C 126 -2.92 -13.10 33.69
CA SER C 126 -3.56 -11.85 33.34
C SER C 126 -5.08 -11.96 33.56
N LYS C 127 -5.67 -10.93 34.16
CA LYS C 127 -7.10 -10.93 34.50
C LYS C 127 -7.92 -9.94 33.66
N HIS C 128 -7.41 -8.73 33.42
CA HIS C 128 -8.14 -7.71 32.65
C HIS C 128 -7.82 -7.78 31.15
N VAL C 129 -8.52 -8.67 30.44
CA VAL C 129 -8.17 -9.05 29.09
C VAL C 129 -9.37 -9.02 28.17
N TYR C 130 -9.27 -8.31 27.05
CA TYR C 130 -10.25 -8.42 26.00
C TYR C 130 -9.67 -9.24 24.90
N GLU C 131 -10.28 -10.39 24.64
CA GLU C 131 -9.92 -11.23 23.51
C GLU C 131 -10.77 -10.75 22.37
N ILE C 132 -10.21 -9.89 21.51
CA ILE C 132 -10.99 -9.23 20.47
C ILE C 132 -11.29 -10.10 19.25
N HIS C 133 -10.60 -11.23 19.14
CA HIS C 133 -10.87 -12.17 18.06
C HIS C 133 -11.33 -13.51 18.58
N GLY C 134 -11.77 -13.55 19.84
CA GLY C 134 -12.37 -14.75 20.38
C GLY C 134 -11.27 -15.70 20.80
N SER C 135 -11.57 -16.99 20.81
CA SER C 135 -10.73 -18.00 21.46
C SER C 135 -10.84 -19.30 20.73
N LEU C 136 -9.68 -19.90 20.53
CA LEU C 136 -9.56 -21.22 19.94
C LEU C 136 -10.28 -22.32 20.75
N PHE C 137 -10.55 -22.04 22.02
CA PHE C 137 -11.17 -22.99 22.91
C PHE C 137 -12.59 -22.61 23.35
N LYS C 138 -13.33 -21.98 22.45
CA LYS C 138 -14.76 -21.77 22.61
C LYS C 138 -15.48 -22.15 21.33
N THR C 139 -16.67 -22.73 21.45
CA THR C 139 -17.53 -23.06 20.30
C THR C 139 -18.72 -22.11 20.30
N ARG C 140 -19.30 -21.85 19.12
CA ARG C 140 -20.55 -21.12 18.98
C ARG C 140 -21.46 -21.96 18.10
N CYS C 141 -22.74 -22.02 18.44
CA CYS C 141 -23.71 -22.79 17.69
C CYS C 141 -24.27 -21.98 16.55
N MET C 142 -24.31 -22.61 15.38
CA MET C 142 -24.80 -22.00 14.15
C MET C 142 -26.32 -21.84 14.15
N SER C 143 -27.04 -22.65 14.94
CA SER C 143 -28.48 -22.52 15.03
C SER C 143 -28.85 -21.58 16.18
N CYS C 144 -28.51 -21.98 17.41
CA CYS C 144 -29.04 -21.33 18.61
C CYS C 144 -28.14 -20.26 19.21
N GLY C 145 -26.86 -20.25 18.86
CA GLY C 145 -25.93 -19.19 19.29
C GLY C 145 -25.23 -19.39 20.62
N GLU C 146 -25.34 -20.57 21.23
CA GLU C 146 -24.70 -20.78 22.51
C GLU C 146 -23.19 -20.73 22.36
N VAL C 147 -22.55 -19.93 23.20
CA VAL C 147 -21.09 -19.89 23.35
C VAL C 147 -20.72 -20.67 24.61
N LYS C 148 -19.95 -21.75 24.45
CA LYS C 148 -19.41 -22.53 25.56
C LYS C 148 -17.90 -22.52 25.40
N ALA C 149 -17.17 -22.64 26.49
CA ALA C 149 -15.78 -23.04 26.45
C ALA C 149 -15.75 -24.49 25.96
N ASN C 150 -14.62 -24.91 25.42
CA ASN C 150 -14.43 -26.30 25.01
C ASN C 150 -12.94 -26.55 24.88
N HIS C 151 -12.41 -27.33 25.82
CA HIS C 151 -11.00 -27.69 25.85
C HIS C 151 -10.81 -29.20 25.59
N LYS C 152 -11.79 -29.84 24.95
CA LYS C 152 -11.77 -31.30 24.84
C LYS C 152 -10.79 -31.78 23.75
N SER C 153 -9.95 -32.74 24.09
CA SER C 153 -9.04 -33.34 23.11
C SER C 153 -9.45 -34.81 22.80
N PRO C 154 -10.22 -35.06 21.74
CA PRO C 154 -10.58 -34.13 20.69
C PRO C 154 -12.00 -33.62 20.77
N ILE C 155 -12.18 -32.41 20.26
CA ILE C 155 -13.49 -31.75 20.29
C ILE C 155 -14.61 -32.68 19.80
N CYS C 156 -14.33 -33.54 18.81
CA CYS C 156 -15.22 -34.66 18.45
C CYS C 156 -14.43 -35.87 17.97
N PRO C 157 -14.95 -37.11 18.18
CA PRO C 157 -14.16 -38.34 17.82
C PRO C 157 -13.70 -38.43 16.35
N ALA C 158 -14.52 -37.94 15.44
CA ALA C 158 -14.19 -37.88 14.02
C ALA C 158 -12.93 -37.09 13.67
N LEU C 159 -12.55 -36.12 14.51
CA LEU C 159 -11.33 -35.35 14.33
C LEU C 159 -10.12 -35.97 15.05
N ASP C 160 -10.28 -37.09 15.73
CA ASP C 160 -9.16 -37.69 16.44
C ASP C 160 -8.08 -38.03 15.44
N GLY C 161 -6.86 -37.61 15.70
CA GLY C 161 -5.71 -37.87 14.84
C GLY C 161 -5.64 -37.16 13.51
N LYS C 162 -6.49 -36.18 13.27
CA LYS C 162 -6.60 -35.53 11.97
C LYS C 162 -6.11 -34.07 11.98
N GLY C 163 -6.38 -33.36 10.87
CA GLY C 163 -5.96 -31.99 10.72
C GLY C 163 -4.50 -31.77 10.40
N ALA C 164 -3.79 -32.80 9.97
CA ALA C 164 -2.34 -32.70 9.76
C ALA C 164 -2.00 -31.63 8.70
N PRO C 165 -0.90 -30.89 8.91
CA PRO C 165 -0.66 -29.69 8.10
C PRO C 165 -0.11 -29.88 6.68
N ASP C 166 0.43 -31.04 6.35
CA ASP C 166 1.23 -31.13 5.12
C ASP C 166 0.37 -30.94 3.86
N PRO C 167 0.89 -30.17 2.86
CA PRO C 167 0.23 -30.00 1.53
C PRO C 167 -0.14 -31.35 0.85
N ASN C 168 -0.84 -31.34 -0.28
CA ASN C 168 -1.23 -32.56 -0.93
C ASN C 168 -2.04 -33.31 0.15
N THR C 169 -3.17 -32.70 0.47
CA THR C 169 -4.02 -33.09 1.60
C THR C 169 -4.66 -34.42 1.28
N LYS C 170 -4.59 -35.35 2.24
CA LYS C 170 -5.50 -36.49 2.29
C LYS C 170 -6.59 -35.88 3.15
N GLU C 171 -7.47 -35.15 2.45
CA GLU C 171 -8.68 -34.54 3.03
C GLU C 171 -9.42 -35.58 3.92
N ALA C 172 -9.95 -35.12 5.05
CA ALA C 172 -10.90 -35.88 5.86
C ALA C 172 -12.23 -35.16 5.60
N ARG C 173 -12.88 -35.65 4.59
CA ARG C 173 -14.25 -35.28 4.18
C ARG C 173 -15.30 -35.83 5.15
N ILE C 174 -15.27 -35.29 6.37
CA ILE C 174 -16.12 -35.75 7.46
C ILE C 174 -17.53 -35.27 7.13
N PRO C 175 -18.53 -36.15 7.28
CA PRO C 175 -19.87 -35.66 7.01
C PRO C 175 -20.28 -34.63 8.03
N VAL C 176 -21.15 -33.72 7.60
CA VAL C 176 -21.46 -32.55 8.40
C VAL C 176 -22.05 -32.96 9.76
N GLU C 177 -22.79 -34.07 9.81
CA GLU C 177 -23.42 -34.55 11.05
C GLU C 177 -22.42 -35.12 12.06
N LEU C 178 -21.18 -35.43 11.63
CA LEU C 178 -20.15 -36.00 12.52
C LEU C 178 -19.06 -35.00 12.94
N LEU C 179 -19.23 -33.74 12.53
CA LEU C 179 -18.46 -32.64 13.06
C LEU C 179 -18.98 -32.24 14.45
N PRO C 180 -18.29 -31.32 15.17
CA PRO C 180 -18.78 -30.93 16.50
C PRO C 180 -20.22 -30.40 16.44
N ARG C 181 -21.09 -30.97 17.28
CA ARG C 181 -22.51 -30.60 17.31
C ARG C 181 -22.88 -30.00 18.66
N CYS C 182 -23.84 -29.07 18.63
CA CYS C 182 -24.41 -28.50 19.84
C CYS C 182 -25.01 -29.62 20.71
N GLU C 183 -24.54 -29.72 21.93
CA GLU C 183 -24.93 -30.76 22.88
C GLU C 183 -26.39 -30.58 23.38
N ARG C 184 -27.03 -29.44 23.04
CA ARG C 184 -28.44 -29.24 23.34
C ARG C 184 -29.27 -30.05 22.36
N LYS C 185 -29.82 -31.16 22.81
CA LYS C 185 -30.56 -32.02 21.86
C LYS C 185 -31.83 -31.44 21.26
N SER C 186 -32.37 -30.33 21.77
CA SER C 186 -33.46 -29.63 21.04
C SER C 186 -33.00 -28.82 19.81
N CYS C 187 -31.70 -28.70 19.62
CA CYS C 187 -31.11 -27.92 18.58
C CYS C 187 -30.30 -28.75 17.62
N ASN C 188 -29.44 -29.63 18.16
CA ASN C 188 -28.36 -30.36 17.44
C ASN C 188 -27.73 -29.67 16.20
N GLY C 189 -27.46 -28.39 16.30
CA GLY C 189 -26.85 -27.61 15.22
C GLY C 189 -25.37 -27.86 15.09
N LEU C 190 -24.85 -27.42 13.94
CA LEU C 190 -23.42 -27.40 13.65
C LEU C 190 -22.67 -26.32 14.48
N LEU C 191 -21.65 -26.72 15.22
CA LEU C 191 -20.81 -25.78 15.91
C LEU C 191 -19.78 -25.15 14.97
N ARG C 192 -19.47 -23.87 15.19
CA ARG C 192 -18.27 -23.21 14.59
C ARG C 192 -17.38 -22.78 15.73
N PRO C 193 -16.07 -22.72 15.51
CA PRO C 193 -15.25 -22.17 16.60
C PRO C 193 -15.68 -20.73 16.86
N HIS C 194 -15.59 -20.30 18.13
CA HIS C 194 -16.02 -18.94 18.52
C HIS C 194 -14.88 -17.90 18.34
N VAL C 195 -14.57 -17.64 17.07
CA VAL C 195 -13.50 -16.76 16.66
C VAL C 195 -14.09 -15.84 15.62
N VAL C 196 -13.51 -14.65 15.45
CA VAL C 196 -13.96 -13.70 14.43
C VAL C 196 -13.24 -14.05 13.15
N TRP C 197 -13.96 -14.09 12.02
CA TRP C 197 -13.39 -14.40 10.72
C TRP C 197 -13.27 -13.16 9.87
N PHE C 198 -12.35 -13.22 8.90
CA PHE C 198 -12.17 -12.10 8.00
C PHE C 198 -13.45 -11.88 7.27
N GLY C 199 -13.94 -10.66 7.32
CA GLY C 199 -15.25 -10.34 6.81
C GLY C 199 -16.36 -10.38 7.84
N GLU C 200 -16.07 -10.71 9.12
CA GLU C 200 -17.07 -10.63 10.18
C GLU C 200 -16.80 -9.50 11.20
N THR C 201 -17.86 -8.82 11.63
CA THR C 201 -17.78 -7.80 12.68
C THR C 201 -17.28 -8.40 13.99
N LEU C 202 -16.56 -7.57 14.76
CA LEU C 202 -16.16 -7.99 16.12
C LEU C 202 -17.40 -7.85 17.05
N ASP C 203 -17.35 -8.47 18.22
CA ASP C 203 -18.47 -8.35 19.15
C ASP C 203 -18.64 -6.86 19.55
N SER C 204 -19.84 -6.31 19.34
CA SER C 204 -20.14 -4.92 19.61
C SER C 204 -19.83 -4.41 21.04
N ASP C 205 -20.10 -5.23 22.06
CA ASP C 205 -19.88 -4.86 23.44
C ASP C 205 -18.40 -4.89 23.77
N ILE C 206 -17.71 -5.96 23.41
CA ILE C 206 -16.25 -5.99 23.56
C ILE C 206 -15.59 -4.79 22.90
N LEU C 207 -15.96 -4.47 21.66
CA LEU C 207 -15.26 -3.37 20.93
C LEU C 207 -15.58 -2.01 21.58
N THR C 208 -16.84 -1.83 21.92
CA THR C 208 -17.32 -0.63 22.64
C THR C 208 -16.48 -0.43 23.91
N ALA C 209 -16.27 -1.51 24.66
CA ALA C 209 -15.50 -1.48 25.88
C ALA C 209 -14.03 -1.17 25.58
N VAL C 210 -13.50 -1.78 24.52
CA VAL C 210 -12.12 -1.53 24.12
C VAL C 210 -11.89 -0.06 23.69
N GLU C 211 -12.83 0.53 22.96
CA GLU C 211 -12.72 1.95 22.61
C GLU C 211 -12.56 2.81 23.85
N ARG C 212 -13.43 2.59 24.86
CA ARG C 212 -13.35 3.29 26.15
C ARG C 212 -12.03 3.09 26.90
N GLU C 213 -11.51 1.87 26.93
CA GLU C 213 -10.22 1.61 27.57
C GLU C 213 -9.12 2.41 26.87
N LEU C 214 -9.21 2.48 25.53
CA LEU C 214 -8.26 3.26 24.74
C LEU C 214 -8.37 4.77 24.96
N GLU C 215 -9.59 5.28 25.12
CA GLU C 215 -9.80 6.70 25.47
C GLU C 215 -9.26 7.08 26.85
N LYS C 216 -9.30 6.15 27.81
CA LYS C 216 -8.83 6.46 29.16
C LYS C 216 -7.34 6.18 29.35
N CYS C 217 -6.65 5.58 28.38
CA CYS C 217 -5.27 5.21 28.58
C CYS C 217 -4.34 6.44 28.41
N ASP C 218 -3.33 6.51 29.29
CA ASP C 218 -2.33 7.58 29.25
C ASP C 218 -0.93 7.03 28.83
N LEU C 219 -0.91 5.75 28.49
CA LEU C 219 0.25 5.11 27.88
C LEU C 219 -0.25 3.84 27.14
N CYS C 220 0.31 3.57 25.97
CA CYS C 220 -0.11 2.43 25.13
C CYS C 220 1.12 1.65 24.65
N LEU C 221 1.08 0.34 24.86
CA LEU C 221 2.12 -0.57 24.39
C LEU C 221 1.50 -1.39 23.27
N VAL C 222 2.27 -1.66 22.21
CA VAL C 222 1.82 -2.48 21.07
C VAL C 222 2.89 -3.53 20.75
N VAL C 223 2.64 -4.76 21.19
CA VAL C 223 3.63 -5.82 21.25
C VAL C 223 3.29 -6.97 20.30
N GLY C 224 4.20 -7.25 19.36
CA GLY C 224 4.15 -8.48 18.59
C GLY C 224 2.98 -8.57 17.62
N THR C 225 2.64 -7.43 17.02
CA THR C 225 1.64 -7.37 15.99
C THR C 225 2.14 -6.61 14.76
N SER C 226 1.74 -7.09 13.58
CA SER C 226 2.15 -6.55 12.33
C SER C 226 1.41 -5.30 11.95
N SER C 227 0.33 -4.97 12.65
CA SER C 227 -0.46 -3.77 12.35
C SER C 227 -0.95 -3.66 10.90
N ILE C 228 -1.37 -4.81 10.34
CA ILE C 228 -2.04 -4.85 9.02
C ILE C 228 -3.54 -5.09 9.15
N VAL C 229 -3.93 -6.03 10.02
CA VAL C 229 -5.34 -6.36 10.21
C VAL C 229 -6.09 -5.26 10.99
N TYR C 230 -7.05 -4.64 10.30
CA TYR C 230 -7.95 -3.65 10.87
CA TYR C 230 -7.95 -3.64 10.87
C TYR C 230 -9.12 -4.41 11.54
N PRO C 231 -9.73 -3.90 12.62
CA PRO C 231 -9.47 -2.60 13.23
C PRO C 231 -8.31 -2.49 14.20
N ALA C 232 -7.91 -3.58 14.84
CA ALA C 232 -6.77 -3.57 15.75
C ALA C 232 -5.61 -2.69 15.33
N ALA C 233 -5.21 -2.80 14.07
CA ALA C 233 -4.10 -2.02 13.50
C ALA C 233 -4.15 -0.51 13.71
N MET C 234 -5.37 0.03 13.76
CA MET C 234 -5.58 1.46 13.97
C MET C 234 -5.78 1.91 15.43
N PHE C 235 -5.79 0.96 16.40
CA PHE C 235 -5.99 1.28 17.84
C PHE C 235 -4.87 2.20 18.36
N ALA C 236 -3.63 1.74 18.28
CA ALA C 236 -2.48 2.51 18.72
C ALA C 236 -2.32 3.74 17.86
N PRO C 237 -2.53 3.63 16.55
CA PRO C 237 -2.61 4.90 15.86
C PRO C 237 -3.58 5.92 16.48
N GLN C 238 -4.82 5.53 16.80
CA GLN C 238 -5.81 6.53 17.33
C GLN C 238 -5.43 7.11 18.71
N VAL C 239 -4.85 6.27 19.57
CA VAL C 239 -4.30 6.70 20.84
C VAL C 239 -3.23 7.78 20.59
N ALA C 240 -2.26 7.49 19.70
CA ALA C 240 -1.22 8.44 19.35
C ALA C 240 -1.80 9.75 18.77
N SER C 241 -2.89 9.65 18.00
CA SER C 241 -3.65 10.86 17.55
C SER C 241 -4.16 11.77 18.74
N ARG C 242 -4.26 11.23 19.95
CA ARG C 242 -4.63 12.04 21.13
C ARG C 242 -3.43 12.57 21.93
N GLY C 243 -2.22 12.41 21.42
CA GLY C 243 -1.02 12.89 22.09
C GLY C 243 -0.56 11.96 23.19
N VAL C 244 -1.03 10.72 23.19
CA VAL C 244 -0.67 9.77 24.23
C VAL C 244 0.56 8.99 23.78
N PRO C 245 1.57 8.83 24.67
CA PRO C 245 2.75 8.11 24.17
C PRO C 245 2.47 6.63 23.86
N VAL C 246 2.98 6.17 22.71
CA VAL C 246 2.86 4.78 22.30
C VAL C 246 4.26 4.18 22.08
N ALA C 247 4.47 2.98 22.61
CA ALA C 247 5.74 2.26 22.48
C ALA C 247 5.52 0.87 21.83
N GLU C 248 6.08 0.70 20.64
CA GLU C 248 6.05 -0.57 19.92
C GLU C 248 7.20 -1.50 20.35
N PHE C 249 6.83 -2.77 20.60
CA PHE C 249 7.79 -3.81 20.93
C PHE C 249 7.60 -4.86 19.84
N ASN C 250 8.58 -4.96 18.94
CA ASN C 250 8.47 -5.77 17.74
C ASN C 250 9.88 -6.12 17.23
N MET C 251 9.97 -7.21 16.47
CA MET C 251 11.26 -7.62 15.86
C MET C 251 11.62 -6.70 14.69
N GLU C 252 10.62 -6.05 14.11
CA GLU C 252 10.75 -5.24 12.89
C GLU C 252 9.84 -4.01 12.98
N CYS C 253 9.97 -3.16 11.96
CA CYS C 253 9.04 -2.06 11.75
C CYS C 253 7.79 -2.57 11.05
N THR C 254 6.75 -1.77 11.22
CA THR C 254 5.45 -2.03 10.66
C THR C 254 5.09 -0.72 10.00
N PRO C 255 4.09 -0.72 9.11
CA PRO C 255 3.72 0.60 8.54
C PRO C 255 3.10 1.56 9.58
N ALA C 256 2.81 1.10 10.80
CA ALA C 256 2.32 1.97 11.88
C ALA C 256 3.44 2.60 12.79
N THR C 257 4.64 2.01 12.81
CA THR C 257 5.75 2.45 13.67
C THR C 257 6.02 3.97 13.63
N GLN C 258 6.03 4.52 12.42
CA GLN C 258 6.10 5.98 12.12
C GLN C 258 5.30 6.89 13.07
N ARG C 259 4.10 6.45 13.49
CA ARG C 259 3.20 7.27 14.30
C ARG C 259 3.41 7.16 15.81
N PHE C 260 4.31 6.30 16.26
CA PHE C 260 4.55 6.07 17.69
C PHE C 260 5.78 6.78 18.23
N LYS C 261 5.79 7.02 19.53
CA LYS C 261 6.85 7.77 20.15
C LYS C 261 8.10 6.92 20.37
N TYR C 262 7.91 5.68 20.84
CA TYR C 262 9.03 4.78 21.10
C TYR C 262 8.92 3.53 20.25
N HIS C 263 10.06 2.92 20.01
CA HIS C 263 10.11 1.63 19.33
C HIS C 263 11.27 0.83 19.87
N PHE C 264 11.00 -0.37 20.36
CA PHE C 264 12.04 -1.21 20.95
C PHE C 264 12.12 -2.53 20.17
N GLU C 265 13.05 -2.56 19.20
CA GLU C 265 13.35 -3.74 18.39
C GLU C 265 13.80 -4.90 19.28
N GLY C 266 13.32 -6.11 18.94
CA GLY C 266 13.85 -7.36 19.47
C GLY C 266 12.79 -8.38 19.82
N PRO C 267 13.20 -9.57 20.27
CA PRO C 267 12.21 -10.52 20.78
C PRO C 267 11.60 -9.97 22.06
N CYS C 268 10.27 -9.83 22.12
CA CYS C 268 9.61 -9.18 23.25
C CYS C 268 9.76 -9.91 24.58
N GLY C 269 9.98 -11.22 24.55
CA GLY C 269 10.37 -11.93 25.77
C GLY C 269 11.63 -11.42 26.44
N SER C 270 12.48 -10.74 25.68
CA SER C 270 13.66 -10.06 26.22
C SER C 270 13.45 -8.56 26.47
N THR C 271 12.86 -7.86 25.51
CA THR C 271 12.67 -6.41 25.62
C THR C 271 11.52 -5.96 26.54
N LEU C 272 10.49 -6.78 26.75
CA LEU C 272 9.34 -6.31 27.51
C LEU C 272 9.50 -6.34 29.04
N PRO C 273 10.02 -7.44 29.62
CA PRO C 273 10.17 -7.51 31.07
C PRO C 273 11.01 -6.38 31.72
N PRO C 274 12.15 -5.96 31.12
CA PRO C 274 12.88 -4.81 31.67
C PRO C 274 12.11 -3.49 31.60
N ALA C 275 11.21 -3.38 30.62
CA ALA C 275 10.35 -2.19 30.45
C ALA C 275 9.13 -2.16 31.38
N LEU C 276 8.71 -3.33 31.89
CA LEU C 276 7.56 -3.43 32.80
C LEU C 276 7.93 -3.51 34.29
N GLU C 277 9.22 -3.67 34.62
CA GLU C 277 9.68 -3.81 36.04
C GLU C 277 9.14 -2.79 37.05
N ASP D 3 -14.22 -30.99 -0.12
CA ASP D 3 -14.55 -31.28 -1.53
C ASP D 3 -14.90 -30.02 -2.36
N PRO D 4 -15.86 -29.14 -1.90
CA PRO D 4 -15.87 -27.83 -2.59
C PRO D 4 -14.68 -27.00 -2.08
N PHE D 5 -13.69 -26.88 -2.97
CA PHE D 5 -12.31 -26.45 -2.61
C PHE D 5 -12.24 -24.94 -2.47
N THR D 6 -11.55 -24.54 -1.44
CA THR D 6 -11.65 -23.19 -0.93
C THR D 6 -10.56 -22.37 -1.58
N LYS D 7 -10.85 -21.10 -1.85
CA LYS D 7 -9.90 -20.24 -2.52
C LYS D 7 -8.61 -20.08 -1.71
N MET D 8 -7.44 -20.14 -2.39
CA MET D 8 -6.13 -19.84 -1.77
C MET D 8 -5.52 -18.70 -2.51
N THR D 9 -4.69 -17.91 -1.83
CA THR D 9 -3.75 -17.01 -2.49
C THR D 9 -2.29 -17.48 -2.33
N ARG D 10 -2.10 -18.81 -2.19
CA ARG D 10 -0.82 -19.37 -1.85
C ARG D 10 -0.43 -20.30 -2.99
N PRO D 11 0.68 -20.02 -3.69
CA PRO D 11 1.00 -20.92 -4.78
C PRO D 11 1.40 -22.30 -4.29
N SER D 12 1.50 -23.21 -5.26
CA SER D 12 1.83 -24.61 -4.99
C SER D 12 3.15 -24.75 -4.24
N SER D 13 3.27 -25.88 -3.51
CA SER D 13 4.50 -26.29 -2.83
C SER D 13 5.02 -27.59 -3.41
N ASP D 14 4.56 -27.92 -4.61
CA ASP D 14 4.81 -29.20 -5.21
C ASP D 14 6.23 -29.21 -5.84
N LEU D 15 7.21 -29.67 -5.06
CA LEU D 15 8.63 -29.73 -5.50
C LEU D 15 8.81 -30.59 -6.75
N THR D 16 8.14 -31.74 -6.75
CA THR D 16 8.14 -32.60 -7.92
C THR D 16 7.76 -31.83 -9.20
N ALA D 17 6.68 -31.06 -9.17
CA ALA D 17 6.28 -30.31 -10.36
C ALA D 17 7.35 -29.25 -10.74
N PHE D 18 7.92 -28.56 -9.74
CA PHE D 18 9.02 -27.63 -10.01
C PHE D 18 10.27 -28.33 -10.62
N ARG D 19 10.66 -29.46 -10.03
CA ARG D 19 11.84 -30.21 -10.50
C ARG D 19 11.70 -30.75 -11.94
N GLU D 20 10.46 -30.94 -12.39
CA GLU D 20 10.22 -31.21 -13.79
C GLU D 20 10.61 -30.00 -14.66
N HIS D 21 10.21 -28.79 -14.27
CA HIS D 21 10.64 -27.59 -15.02
C HIS D 21 12.15 -27.45 -14.97
N PHE D 22 12.73 -27.70 -13.79
CA PHE D 22 14.17 -27.64 -13.59
C PHE D 22 14.96 -28.60 -14.48
N ALA D 23 14.41 -29.80 -14.69
CA ALA D 23 15.04 -30.82 -15.52
C ALA D 23 15.24 -30.37 -16.97
N LYS D 24 14.29 -29.58 -17.50
CA LYS D 24 14.33 -29.19 -18.91
C LYS D 24 14.61 -27.72 -19.15
N ALA D 25 15.13 -27.04 -18.15
CA ALA D 25 15.38 -25.58 -18.23
C ALA D 25 16.81 -25.32 -18.71
N LYS D 26 16.95 -24.41 -19.67
CA LYS D 26 18.24 -24.04 -20.24
C LYS D 26 18.86 -22.77 -19.67
N HIS D 27 18.02 -21.83 -19.28
CA HIS D 27 18.46 -20.53 -18.71
C HIS D 27 17.75 -20.20 -17.42
N ILE D 28 18.35 -20.62 -16.31
CA ILE D 28 17.82 -20.34 -14.97
C ILE D 28 18.38 -19.01 -14.46
N ALA D 29 17.48 -18.10 -14.08
CA ALA D 29 17.82 -16.86 -13.38
C ALA D 29 17.44 -16.96 -11.90
N ILE D 30 18.46 -16.92 -11.04
CA ILE D 30 18.29 -16.95 -9.58
C ILE D 30 18.49 -15.53 -8.98
N ILE D 31 17.44 -14.96 -8.42
CA ILE D 31 17.48 -13.67 -7.77
C ILE D 31 17.60 -13.86 -6.25
N THR D 32 18.39 -13.02 -5.58
CA THR D 32 18.74 -13.26 -4.18
C THR D 32 18.74 -11.94 -3.38
N GLY D 33 18.36 -12.07 -2.11
CA GLY D 33 18.44 -11.03 -1.12
C GLY D 33 19.12 -11.52 0.14
N ALA D 34 19.03 -10.72 1.19
CA ALA D 34 19.79 -10.94 2.42
C ALA D 34 19.53 -12.30 3.08
N GLY D 35 18.29 -12.79 2.94
CA GLY D 35 17.89 -14.14 3.38
C GLY D 35 18.83 -15.31 3.02
N VAL D 36 19.50 -15.18 1.88
CA VAL D 36 20.45 -16.20 1.41
C VAL D 36 21.72 -16.23 2.25
N SER D 37 22.04 -15.13 2.89
CA SER D 37 23.19 -15.09 3.75
C SER D 37 22.79 -15.17 5.23
N ALA D 38 21.51 -15.16 5.53
CA ALA D 38 21.06 -15.23 6.94
C ALA D 38 21.69 -16.41 7.66
N GLU D 39 21.73 -17.58 7.03
CA GLU D 39 22.32 -18.75 7.69
C GLU D 39 23.86 -18.79 7.81
N SER D 40 24.54 -17.87 7.12
CA SER D 40 25.97 -17.65 7.32
C SER D 40 26.26 -16.78 8.56
N GLY D 41 25.22 -16.23 9.18
CA GLY D 41 25.34 -15.38 10.35
C GLY D 41 25.43 -13.91 10.00
N VAL D 42 24.85 -13.50 8.87
CA VAL D 42 24.88 -12.11 8.37
C VAL D 42 23.49 -11.52 8.51
N PRO D 43 23.37 -10.41 9.23
CA PRO D 43 22.02 -9.95 9.51
C PRO D 43 21.39 -9.32 8.27
N THR D 44 20.06 -9.25 8.29
CA THR D 44 19.24 -8.77 7.20
C THR D 44 18.83 -7.34 7.52
N PHE D 45 17.95 -6.75 6.70
CA PHE D 45 17.41 -5.39 6.93
C PHE D 45 16.10 -5.33 7.75
N ARG D 46 15.55 -6.47 8.14
CA ARG D 46 14.26 -6.54 8.80
C ARG D 46 14.48 -6.69 10.29
N GLY D 47 15.16 -7.77 10.68
CA GLY D 47 15.39 -8.06 12.09
C GLY D 47 16.29 -7.04 12.80
N PRO D 48 17.03 -7.50 13.84
CA PRO D 48 18.02 -6.67 14.55
C PRO D 48 18.99 -5.83 13.70
N GLY D 49 19.41 -6.33 12.52
CA GLY D 49 20.36 -5.56 11.69
C GLY D 49 19.73 -4.49 10.79
N GLY D 50 18.45 -4.25 10.93
CA GLY D 50 17.78 -3.12 10.26
C GLY D 50 18.09 -1.78 10.97
N PHE D 51 18.56 -1.85 12.21
CA PHE D 51 18.84 -0.69 13.01
C PHE D 51 20.36 -0.61 13.22
N TRP D 52 20.91 0.62 13.17
CA TRP D 52 22.29 0.94 13.58
C TRP D 52 22.21 2.31 14.26
N ARG D 53 22.70 2.39 15.49
CA ARG D 53 22.50 3.58 16.38
C ARG D 53 21.06 4.10 16.32
N LYS D 54 20.81 5.39 16.09
CA LYS D 54 19.45 5.92 16.04
C LYS D 54 18.76 5.84 14.66
N TRP D 55 19.39 5.12 13.72
CA TRP D 55 18.92 5.12 12.34
C TRP D 55 18.51 3.74 11.92
N GLN D 56 17.59 3.71 10.96
CA GLN D 56 17.33 2.48 10.22
C GLN D 56 18.42 2.41 9.16
N ALA D 57 18.81 1.22 8.76
CA ALA D 57 19.88 1.05 7.75
C ALA D 57 19.60 1.83 6.49
N GLN D 58 18.35 1.83 6.03
CA GLN D 58 18.00 2.58 4.82
C GLN D 58 18.21 4.13 4.95
N ASP D 59 18.18 4.61 6.20
CA ASP D 59 18.35 6.04 6.45
C ASP D 59 19.75 6.50 6.10
N LEU D 60 20.74 5.65 6.42
CA LEU D 60 22.16 5.98 6.20
C LEU D 60 22.69 5.72 4.80
N ALA D 61 22.06 4.79 4.08
CA ALA D 61 22.42 4.46 2.70
C ALA D 61 21.74 5.40 1.71
N THR D 62 22.16 6.65 1.73
CA THR D 62 21.47 7.76 1.10
C THR D 62 22.51 8.81 0.75
N PRO D 63 22.34 9.57 -0.34
CA PRO D 63 23.30 10.64 -0.67
C PRO D 63 23.37 11.79 0.36
N GLU D 64 22.21 12.24 0.85
CA GLU D 64 22.12 13.29 1.88
C GLU D 64 22.79 12.89 3.19
N ALA D 65 22.67 11.63 3.57
CA ALA D 65 23.34 11.13 4.76
C ALA D 65 24.84 11.31 4.66
N PHE D 66 25.40 10.89 3.51
CA PHE D 66 26.84 11.04 3.26
C PHE D 66 27.24 12.50 3.17
N SER D 67 26.51 13.25 2.37
CA SER D 67 26.64 14.68 2.28
C SER D 67 26.71 15.31 3.67
N ARG D 68 25.74 14.95 4.53
CA ARG D 68 25.62 15.56 5.86
C ARG D 68 26.68 15.12 6.86
N ASP D 69 26.93 13.81 6.95
CA ASP D 69 27.90 13.30 7.93
C ASP D 69 28.68 12.13 7.35
N PRO D 70 29.65 12.43 6.45
CA PRO D 70 30.43 11.37 5.80
C PRO D 70 31.11 10.47 6.79
N SER D 71 31.55 11.01 7.92
CA SER D 71 32.17 10.20 8.96
C SER D 71 31.20 9.16 9.58
N LEU D 72 29.94 9.55 9.80
CA LEU D 72 28.94 8.67 10.42
C LEU D 72 28.64 7.51 9.47
N VAL D 73 28.39 7.86 8.20
CA VAL D 73 28.11 6.89 7.14
C VAL D 73 29.30 5.95 6.96
N TRP D 74 30.54 6.48 7.05
CA TRP D 74 31.69 5.58 6.95
C TRP D 74 31.82 4.67 8.15
N GLU D 75 31.41 5.15 9.31
CA GLU D 75 31.37 4.32 10.52
C GLU D 75 30.46 3.13 10.33
N PHE D 76 29.26 3.44 9.83
CA PHE D 76 28.21 2.48 9.51
C PHE D 76 28.74 1.39 8.54
N TYR D 77 29.33 1.80 7.41
CA TYR D 77 29.82 0.84 6.41
C TYR D 77 31.06 0.10 6.91
N HIS D 78 31.87 0.76 7.75
CA HIS D 78 33.01 0.11 8.41
C HIS D 78 32.54 -1.01 9.36
N TYR D 79 31.46 -0.79 10.09
CA TYR D 79 30.88 -1.82 10.99
C TYR D 79 30.48 -3.06 10.19
N ARG D 80 29.78 -2.80 9.11
CA ARG D 80 29.32 -3.89 8.26
C ARG D 80 30.49 -4.62 7.63
N ARG D 81 31.49 -3.90 7.11
CA ARG D 81 32.66 -4.57 6.52
C ARG D 81 33.27 -5.52 7.54
N GLU D 82 33.39 -5.06 8.77
CA GLU D 82 34.05 -5.86 9.80
C GLU D 82 33.22 -7.08 10.18
N VAL D 83 31.89 -6.91 10.28
CA VAL D 83 31.02 -8.04 10.60
C VAL D 83 31.15 -9.09 9.49
N MET D 84 30.98 -8.66 8.24
CA MET D 84 31.10 -9.56 7.07
C MET D 84 32.41 -10.37 6.97
N ARG D 85 33.50 -9.76 7.40
CA ARG D 85 34.81 -10.34 7.31
C ARG D 85 34.91 -11.83 7.62
N SER D 86 34.45 -12.20 8.81
CA SER D 86 34.64 -13.58 9.28
C SER D 86 33.76 -14.58 8.52
N LYS D 87 32.55 -14.15 8.13
CA LYS D 87 31.46 -15.04 7.70
C LYS D 87 31.79 -15.82 6.42
N MET D 88 31.07 -16.93 6.25
CA MET D 88 31.42 -17.98 5.28
C MET D 88 30.17 -18.52 4.54
N PRO D 89 30.35 -19.00 3.30
CA PRO D 89 29.18 -19.47 2.56
C PRO D 89 28.42 -20.62 3.22
N ASN D 90 27.11 -20.46 3.33
CA ASN D 90 26.21 -21.49 3.84
C ASN D 90 25.79 -22.43 2.71
N PRO D 91 25.12 -23.54 3.05
CA PRO D 91 24.88 -24.52 1.99
C PRO D 91 23.96 -24.03 0.84
N ALA D 92 23.17 -22.98 1.02
CA ALA D 92 22.39 -22.38 -0.07
C ALA D 92 23.24 -21.69 -1.14
N HIS D 93 24.28 -20.96 -0.72
CA HIS D 93 25.23 -20.31 -1.63
C HIS D 93 25.95 -21.35 -2.47
N LEU D 94 26.51 -22.35 -1.76
CA LEU D 94 27.34 -23.38 -2.37
C LEU D 94 26.58 -24.30 -3.31
N ALA D 95 25.30 -24.52 -3.02
CA ALA D 95 24.43 -25.30 -3.87
C ALA D 95 24.16 -24.55 -5.17
N ILE D 96 24.04 -23.22 -5.08
CA ILE D 96 23.89 -22.42 -6.27
C ILE D 96 25.16 -22.49 -7.13
N ALA D 97 26.32 -22.44 -6.49
CA ALA D 97 27.59 -22.54 -7.23
C ALA D 97 27.75 -23.93 -7.89
N GLU D 98 27.38 -24.97 -7.16
CA GLU D 98 27.47 -26.35 -7.62
C GLU D 98 26.53 -26.59 -8.81
N CYS D 99 25.30 -26.11 -8.65
CA CYS D 99 24.31 -26.18 -9.70
C CYS D 99 24.77 -25.49 -10.95
N GLU D 100 25.36 -24.32 -10.77
CA GLU D 100 25.93 -23.56 -11.87
C GLU D 100 27.06 -24.34 -12.55
N ALA D 101 27.92 -24.96 -11.74
CA ALA D 101 29.08 -25.69 -12.25
C ALA D 101 28.57 -26.84 -13.10
N ARG D 102 27.73 -27.69 -12.49
CA ARG D 102 27.22 -28.88 -13.13
C ARG D 102 26.51 -28.54 -14.44
N LEU D 103 25.46 -27.71 -14.37
CA LEU D 103 24.64 -27.37 -15.54
C LEU D 103 25.38 -26.70 -16.72
N GLY D 104 26.50 -26.03 -16.43
CA GLY D 104 27.32 -25.37 -17.46
C GLY D 104 27.95 -26.36 -18.40
N GLN D 105 28.39 -27.51 -17.87
CA GLN D 105 28.93 -28.63 -18.65
C GLN D 105 27.96 -29.18 -19.67
N GLN D 106 26.66 -29.01 -19.41
CA GLN D 106 25.59 -29.40 -20.35
C GLN D 106 25.05 -28.18 -21.13
N GLY D 107 25.82 -27.09 -21.17
CA GLY D 107 25.44 -25.87 -21.91
C GLY D 107 24.19 -25.16 -21.42
N ARG D 108 23.82 -25.39 -20.16
CA ARG D 108 22.68 -24.75 -19.55
C ARG D 108 23.24 -23.66 -18.60
N SER D 109 22.63 -22.48 -18.63
CA SER D 109 23.09 -21.32 -17.84
C SER D 109 22.29 -21.11 -16.56
N VAL D 110 23.04 -20.82 -15.52
CA VAL D 110 22.51 -20.39 -14.26
C VAL D 110 23.13 -19.02 -13.96
N VAL D 111 22.28 -18.00 -13.90
CA VAL D 111 22.73 -16.64 -13.66
C VAL D 111 22.26 -16.20 -12.25
N ILE D 112 23.15 -15.60 -11.46
CA ILE D 112 22.82 -15.08 -10.15
C ILE D 112 22.73 -13.55 -10.21
N ILE D 113 21.60 -13.00 -9.75
CA ILE D 113 21.36 -11.55 -9.73
C ILE D 113 21.08 -11.19 -8.29
N THR D 114 22.05 -10.62 -7.59
CA THR D 114 21.97 -10.49 -6.13
C THR D 114 21.87 -9.03 -5.73
N GLN D 115 20.97 -8.78 -4.80
CA GLN D 115 20.88 -7.50 -4.14
C GLN D 115 21.98 -7.34 -3.07
N ASN D 116 22.60 -8.46 -2.64
CA ASN D 116 23.53 -8.42 -1.54
C ASN D 116 24.80 -7.76 -1.99
N ILE D 117 25.47 -7.16 -1.01
CA ILE D 117 26.74 -6.51 -1.23
C ILE D 117 27.87 -7.20 -0.44
N ASP D 118 27.66 -8.48 -0.07
CA ASP D 118 28.58 -9.20 0.82
C ASP D 118 29.64 -10.07 0.09
N GLU D 119 29.48 -10.21 -1.24
CA GLU D 119 30.34 -11.06 -2.07
C GLU D 119 30.40 -12.53 -1.64
N LEU D 120 29.38 -13.00 -0.91
CA LEU D 120 29.40 -14.37 -0.47
C LEU D 120 29.08 -15.35 -1.62
N HIS D 121 28.35 -14.91 -2.65
CA HIS D 121 28.22 -15.71 -3.88
C HIS D 121 29.60 -15.88 -4.56
N HIS D 122 30.41 -14.80 -4.66
CA HIS D 122 31.74 -14.95 -5.23
CA HIS D 122 31.76 -14.92 -5.22
C HIS D 122 32.56 -15.94 -4.40
N ARG D 123 32.59 -15.75 -3.09
CA ARG D 123 33.34 -16.64 -2.20
C ARG D 123 32.83 -18.10 -2.22
N ALA D 124 31.55 -18.28 -2.54
CA ALA D 124 30.95 -19.59 -2.76
C ALA D 124 31.47 -20.35 -3.99
N GLY D 125 31.99 -19.62 -4.99
CA GLY D 125 32.40 -20.25 -6.25
C GLY D 125 31.50 -19.93 -7.42
N SER D 126 30.40 -19.21 -7.18
CA SER D 126 29.55 -18.76 -8.26
C SER D 126 30.34 -17.82 -9.16
N LYS D 127 30.19 -17.98 -10.47
CA LYS D 127 30.96 -17.17 -11.44
C LYS D 127 30.09 -16.20 -12.22
N HIS D 128 28.89 -16.59 -12.64
CA HIS D 128 28.02 -15.71 -13.42
C HIS D 128 27.06 -14.90 -12.54
N VAL D 129 27.56 -13.77 -12.03
CA VAL D 129 26.92 -13.02 -10.95
C VAL D 129 26.86 -11.54 -11.29
N TYR D 130 25.67 -10.95 -11.24
CA TYR D 130 25.53 -9.52 -11.30
C TYR D 130 25.24 -9.05 -9.90
N GLU D 131 26.15 -8.24 -9.34
CA GLU D 131 25.95 -7.58 -8.07
C GLU D 131 25.28 -6.27 -8.40
N ILE D 132 23.95 -6.23 -8.27
CA ILE D 132 23.18 -5.08 -8.74
C ILE D 132 23.17 -3.88 -7.80
N HIS D 133 23.63 -4.11 -6.56
CA HIS D 133 23.77 -3.02 -5.61
C HIS D 133 25.20 -2.80 -5.19
N GLY D 134 26.13 -3.35 -5.96
CA GLY D 134 27.54 -3.12 -5.71
C GLY D 134 28.02 -4.01 -4.60
N SER D 135 29.05 -3.57 -3.90
CA SER D 135 29.82 -4.42 -3.00
C SER D 135 30.37 -3.62 -1.87
N LEU D 136 30.20 -4.19 -0.69
CA LEU D 136 30.75 -3.64 0.54
C LEU D 136 32.28 -3.51 0.51
N PHE D 137 32.93 -4.27 -0.35
CA PHE D 137 34.35 -4.32 -0.44
C PHE D 137 34.94 -3.70 -1.73
N LYS D 138 34.28 -2.67 -2.23
CA LYS D 138 34.81 -1.84 -3.29
C LYS D 138 34.60 -0.38 -2.91
N THR D 139 35.56 0.47 -3.25
CA THR D 139 35.46 1.92 -3.03
C THR D 139 35.28 2.59 -4.39
N ARG D 140 34.63 3.76 -4.39
CA ARG D 140 34.52 4.61 -5.58
C ARG D 140 34.94 6.00 -5.19
N CYS D 141 35.69 6.67 -6.06
CA CYS D 141 36.18 8.00 -5.75
C CYS D 141 35.17 9.05 -6.14
N MET D 142 34.95 9.99 -5.24
CA MET D 142 34.03 11.10 -5.43
C MET D 142 34.50 12.13 -6.45
N SER D 143 35.81 12.22 -6.67
CA SER D 143 36.34 13.14 -7.68
C SER D 143 36.47 12.43 -9.02
N CYS D 144 37.33 11.42 -9.07
CA CYS D 144 37.78 10.84 -10.35
C CYS D 144 37.00 9.60 -10.79
N GLY D 145 36.28 8.94 -9.86
CA GLY D 145 35.47 7.79 -10.20
C GLY D 145 36.11 6.41 -10.24
N GLU D 146 37.34 6.29 -9.78
CA GLU D 146 38.00 5.00 -9.77
C GLU D 146 37.26 4.03 -8.84
N VAL D 147 36.94 2.85 -9.38
CA VAL D 147 36.45 1.72 -8.60
C VAL D 147 37.60 0.75 -8.39
N LYS D 148 37.98 0.50 -7.14
CA LYS D 148 38.97 -0.53 -6.77
C LYS D 148 38.26 -1.46 -5.79
N ALA D 149 38.72 -2.71 -5.72
CA ALA D 149 38.38 -3.56 -4.60
C ALA D 149 39.10 -2.98 -3.38
N ASN D 150 38.60 -3.32 -2.19
CA ASN D 150 39.26 -2.95 -0.94
C ASN D 150 38.73 -3.84 0.17
N HIS D 151 39.58 -4.75 0.62
CA HIS D 151 39.23 -5.68 1.69
C HIS D 151 40.04 -5.40 2.97
N LYS D 152 40.57 -4.17 3.10
CA LYS D 152 41.52 -3.88 4.18
C LYS D 152 40.81 -3.72 5.54
N SER D 153 41.32 -4.39 6.56
CA SER D 153 40.82 -4.20 7.92
C SER D 153 41.89 -3.46 8.79
N PRO D 154 41.81 -2.13 8.94
CA PRO D 154 40.66 -1.30 8.53
C PRO D 154 40.92 -0.48 7.30
N ILE D 155 39.86 -0.17 6.59
CA ILE D 155 39.95 0.59 5.34
C ILE D 155 40.81 1.84 5.49
N CYS D 156 40.78 2.50 6.64
CA CYS D 156 41.77 3.54 7.01
C CYS D 156 41.95 3.53 8.56
N PRO D 157 43.15 3.92 9.06
CA PRO D 157 43.45 3.78 10.51
C PRO D 157 42.51 4.51 11.47
N ALA D 158 42.02 5.68 11.04
CA ALA D 158 41.00 6.44 11.77
C ALA D 158 39.71 5.68 12.11
N LEU D 159 39.35 4.68 11.29
CA LEU D 159 38.17 3.85 11.56
C LEU D 159 38.48 2.62 12.42
N ASP D 160 39.75 2.39 12.79
CA ASP D 160 40.07 1.21 13.56
C ASP D 160 39.28 1.24 14.85
N GLY D 161 38.61 0.12 15.15
CA GLY D 161 37.85 -0.03 16.40
C GLY D 161 36.57 0.77 16.55
N LYS D 162 36.09 1.38 15.48
CA LYS D 162 34.94 2.27 15.53
C LYS D 162 33.71 1.66 14.82
N GLY D 163 32.67 2.48 14.64
CA GLY D 163 31.43 2.04 14.04
C GLY D 163 30.50 1.21 14.90
N ALA D 164 30.72 1.19 16.22
CA ALA D 164 29.92 0.30 17.09
C ALA D 164 28.42 0.64 17.03
N PRO D 165 27.55 -0.37 17.11
CA PRO D 165 26.14 -0.16 16.78
C PRO D 165 25.25 0.49 17.84
N ASP D 166 25.68 0.50 19.10
CA ASP D 166 24.75 0.92 20.16
C ASP D 166 24.32 2.40 20.03
N PRO D 167 23.02 2.70 20.24
CA PRO D 167 22.44 4.06 20.16
C PRO D 167 23.16 5.17 20.92
N ASN D 168 23.72 4.85 22.09
CA ASN D 168 24.43 5.84 22.90
C ASN D 168 25.97 5.77 22.73
N THR D 169 26.43 5.18 21.61
CA THR D 169 27.83 5.15 21.24
C THR D 169 28.26 6.56 20.87
N LYS D 170 29.40 6.97 21.41
CA LYS D 170 30.02 8.24 21.05
C LYS D 170 30.40 8.28 19.54
N GLU D 171 29.79 9.20 18.82
CA GLU D 171 30.19 9.61 17.47
C GLU D 171 31.71 9.73 17.35
N ALA D 172 32.28 9.26 16.23
CA ALA D 172 33.73 9.35 16.02
C ALA D 172 34.21 10.63 15.35
N ARG D 173 33.31 11.41 14.75
CA ARG D 173 33.57 12.74 14.23
C ARG D 173 34.93 12.85 13.56
N ILE D 174 35.21 11.92 12.65
CA ILE D 174 36.50 11.86 11.95
C ILE D 174 36.52 13.02 10.97
N PRO D 175 37.61 13.78 10.93
CA PRO D 175 37.63 14.86 9.94
C PRO D 175 37.67 14.28 8.53
N VAL D 176 37.11 15.04 7.61
CA VAL D 176 36.87 14.53 6.26
C VAL D 176 38.16 14.08 5.59
N GLU D 177 39.26 14.77 5.86
CA GLU D 177 40.58 14.44 5.25
C GLU D 177 41.18 13.14 5.80
N LEU D 178 40.68 12.62 6.93
CA LEU D 178 41.18 11.36 7.53
C LEU D 178 40.29 10.15 7.32
N LEU D 179 39.23 10.33 6.56
CA LEU D 179 38.42 9.23 6.05
C LEU D 179 39.14 8.56 4.85
N PRO D 180 38.61 7.43 4.34
CA PRO D 180 39.31 6.79 3.20
C PRO D 180 39.47 7.74 2.03
N ARG D 181 40.71 7.88 1.54
CA ARG D 181 41.05 8.79 0.43
C ARG D 181 41.55 8.01 -0.77
N CYS D 182 41.25 8.54 -1.95
CA CYS D 182 41.76 7.99 -3.22
C CYS D 182 43.29 8.01 -3.19
N GLU D 183 43.89 6.83 -3.36
CA GLU D 183 45.34 6.66 -3.29
C GLU D 183 46.06 7.28 -4.50
N ARG D 184 45.32 7.77 -5.49
CA ARG D 184 45.90 8.56 -6.60
C ARG D 184 46.26 9.92 -6.11
N LYS D 185 47.53 10.16 -5.88
CA LYS D 185 47.99 11.48 -5.42
C LYS D 185 47.75 12.65 -6.35
N SER D 186 47.40 12.47 -7.61
CA SER D 186 46.87 13.60 -8.42
C SER D 186 45.44 14.08 -8.07
N CYS D 187 44.75 13.31 -7.27
CA CYS D 187 43.32 13.47 -7.04
C CYS D 187 43.00 13.70 -5.59
N ASN D 188 43.59 12.88 -4.71
CA ASN D 188 43.27 12.75 -3.27
C ASN D 188 41.79 13.01 -2.84
N GLY D 189 40.84 12.50 -3.62
CA GLY D 189 39.41 12.66 -3.33
C GLY D 189 38.91 11.82 -2.17
N LEU D 190 37.72 12.19 -1.68
CA LEU D 190 36.98 11.37 -0.69
C LEU D 190 36.39 10.09 -1.35
N LEU D 191 36.72 8.93 -0.79
CA LEU D 191 36.11 7.69 -1.24
C LEU D 191 34.71 7.52 -0.64
N ARG D 192 33.82 6.93 -1.44
CA ARG D 192 32.53 6.40 -0.94
C ARG D 192 32.53 4.92 -1.19
N PRO D 193 31.82 4.16 -0.36
CA PRO D 193 31.71 2.74 -0.71
C PRO D 193 31.05 2.61 -2.08
N HIS D 194 31.45 1.61 -2.86
CA HIS D 194 30.89 1.42 -4.22
C HIS D 194 29.59 0.58 -4.20
N VAL D 195 28.55 1.21 -3.66
CA VAL D 195 27.24 0.62 -3.39
C VAL D 195 26.24 1.59 -3.97
N VAL D 196 25.05 1.09 -4.33
CA VAL D 196 23.96 1.98 -4.83
C VAL D 196 23.22 2.45 -3.59
N TRP D 197 22.89 3.76 -3.53
CA TRP D 197 22.11 4.30 -2.41
C TRP D 197 20.69 4.60 -2.83
N PHE D 198 19.82 4.65 -1.84
CA PHE D 198 18.42 4.95 -2.10
C PHE D 198 18.36 6.32 -2.71
N GLY D 199 17.72 6.41 -3.86
CA GLY D 199 17.73 7.62 -4.62
C GLY D 199 18.78 7.68 -5.72
N GLU D 200 19.63 6.66 -5.86
CA GLU D 200 20.60 6.58 -6.96
C GLU D 200 20.28 5.50 -7.99
N THR D 201 20.46 5.82 -9.28
CA THR D 201 20.26 4.82 -10.36
C THR D 201 21.26 3.67 -10.22
N LEU D 202 20.85 2.49 -10.65
CA LEU D 202 21.76 1.34 -10.73
C LEU D 202 22.67 1.52 -11.96
N ASP D 203 23.82 0.81 -12.02
CA ASP D 203 24.71 1.00 -13.16
C ASP D 203 23.99 0.60 -14.46
N SER D 204 23.95 1.51 -15.42
CA SER D 204 23.29 1.31 -16.70
C SER D 204 23.60 0.03 -17.48
N ASP D 205 24.87 -0.34 -17.54
CA ASP D 205 25.32 -1.53 -18.27
C ASP D 205 24.95 -2.79 -17.53
N ILE D 206 25.23 -2.85 -16.22
CA ILE D 206 24.77 -3.99 -15.43
C ILE D 206 23.26 -4.20 -15.58
N LEU D 207 22.45 -3.13 -15.46
CA LEU D 207 20.98 -3.30 -15.46
C LEU D 207 20.50 -3.74 -16.85
N THR D 208 21.05 -3.09 -17.87
CA THR D 208 20.80 -3.46 -19.27
C THR D 208 21.03 -4.95 -19.47
N ALA D 209 22.17 -5.44 -18.97
CA ALA D 209 22.54 -6.84 -19.09
C ALA D 209 21.59 -7.71 -18.31
N VAL D 210 21.22 -7.28 -17.10
CA VAL D 210 20.28 -8.04 -16.29
C VAL D 210 18.89 -8.14 -16.95
N GLU D 211 18.40 -7.07 -17.55
CA GLU D 211 17.12 -7.13 -18.26
C GLU D 211 17.15 -8.24 -19.33
N ARG D 212 18.21 -8.26 -20.15
CA ARG D 212 18.41 -9.30 -21.18
C ARG D 212 18.48 -10.73 -20.62
N GLU D 213 19.18 -10.92 -19.51
CA GLU D 213 19.23 -12.23 -18.87
C GLU D 213 17.83 -12.67 -18.43
N LEU D 214 17.05 -11.71 -17.93
CA LEU D 214 15.66 -11.96 -17.53
C LEU D 214 14.74 -12.28 -18.70
N GLU D 215 14.93 -11.61 -19.84
CA GLU D 215 14.19 -11.94 -21.09
C GLU D 215 14.50 -13.34 -21.62
N LYS D 216 15.73 -13.81 -21.46
CA LYS D 216 16.12 -15.13 -21.97
C LYS D 216 15.84 -16.27 -20.99
N CYS D 217 15.44 -15.98 -19.74
CA CYS D 217 15.30 -17.04 -18.76
C CYS D 217 13.96 -17.78 -18.95
N ASP D 218 14.02 -19.10 -18.78
CA ASP D 218 12.85 -19.98 -18.91
C ASP D 218 12.46 -20.59 -17.55
N LEU D 219 13.17 -20.17 -16.51
CA LEU D 219 12.82 -20.47 -15.14
C LEU D 219 13.50 -19.40 -14.25
N CYS D 220 12.79 -18.95 -13.20
CA CYS D 220 13.28 -17.91 -12.28
C CYS D 220 13.10 -18.34 -10.83
N LEU D 221 14.15 -18.24 -10.04
CA LEU D 221 14.14 -18.53 -8.63
C LEU D 221 14.33 -17.18 -7.92
N VAL D 222 13.63 -17.00 -6.79
CA VAL D 222 13.72 -15.76 -5.98
C VAL D 222 13.89 -16.14 -4.51
N VAL D 223 15.12 -16.04 -4.03
CA VAL D 223 15.55 -16.64 -2.76
C VAL D 223 15.95 -15.56 -1.75
N GLY D 224 15.26 -15.54 -0.60
CA GLY D 224 15.72 -14.76 0.53
C GLY D 224 15.67 -13.27 0.35
N THR D 225 14.64 -12.80 -0.35
CA THR D 225 14.38 -11.37 -0.50
C THR D 225 12.94 -11.02 -0.15
N SER D 226 12.79 -9.87 0.50
CA SER D 226 11.49 -9.38 0.94
C SER D 226 10.68 -8.78 -0.19
N SER D 227 11.27 -8.55 -1.34
CA SER D 227 10.59 -7.97 -2.50
C SER D 227 9.94 -6.63 -2.21
N ILE D 228 10.65 -5.79 -1.44
CA ILE D 228 10.23 -4.41 -1.15
C ILE D 228 11.03 -3.38 -1.96
N VAL D 229 12.34 -3.56 -2.03
CA VAL D 229 13.20 -2.58 -2.72
C VAL D 229 13.08 -2.76 -4.25
N TYR D 230 12.57 -1.72 -4.91
CA TYR D 230 12.53 -1.64 -6.37
C TYR D 230 13.89 -1.10 -6.89
N PRO D 231 14.36 -1.46 -8.07
CA PRO D 231 13.66 -2.29 -9.06
C PRO D 231 13.75 -3.80 -8.90
N ALA D 232 14.76 -4.33 -8.24
CA ALA D 232 14.85 -5.77 -7.98
C ALA D 232 13.51 -6.46 -7.70
N ALA D 233 12.71 -5.89 -6.81
CA ALA D 233 11.40 -6.42 -6.43
C ALA D 233 10.45 -6.75 -7.58
N MET D 234 10.56 -6.00 -8.69
CA MET D 234 9.73 -6.23 -9.86
C MET D 234 10.33 -7.16 -10.95
N PHE D 235 11.58 -7.67 -10.76
CA PHE D 235 12.25 -8.57 -11.73
C PHE D 235 11.45 -9.88 -11.92
N ALA D 236 11.25 -10.61 -10.84
CA ALA D 236 10.49 -11.86 -10.88
C ALA D 236 9.05 -11.59 -11.23
N PRO D 237 8.47 -10.51 -10.69
CA PRO D 237 7.20 -10.19 -11.29
C PRO D 237 7.19 -10.09 -12.83
N GLN D 238 8.13 -9.38 -13.44
CA GLN D 238 8.11 -9.21 -14.93
C GLN D 238 8.31 -10.54 -15.71
N VAL D 239 9.17 -11.40 -15.19
CA VAL D 239 9.38 -12.74 -15.71
C VAL D 239 8.02 -13.49 -15.69
N ALA D 240 7.36 -13.52 -14.53
CA ALA D 240 6.05 -14.16 -14.39
C ALA D 240 5.00 -13.54 -15.33
N SER D 241 5.07 -12.22 -15.58
CA SER D 241 4.24 -11.58 -16.64
C SER D 241 4.45 -12.20 -18.09
N ARG D 242 5.58 -12.89 -18.32
CA ARG D 242 5.81 -13.56 -19.60
C ARG D 242 5.39 -15.04 -19.59
N GLY D 243 4.74 -15.52 -18.53
CA GLY D 243 4.33 -16.90 -18.43
C GLY D 243 5.45 -17.86 -18.09
N VAL D 244 6.54 -17.31 -17.53
CA VAL D 244 7.72 -18.14 -17.20
C VAL D 244 7.54 -18.55 -15.74
N PRO D 245 7.78 -19.84 -15.44
CA PRO D 245 7.54 -20.22 -14.04
C PRO D 245 8.53 -19.56 -13.06
N VAL D 246 8.02 -19.07 -11.94
CA VAL D 246 8.82 -18.49 -10.88
C VAL D 246 8.58 -19.23 -9.56
N ALA D 247 9.66 -19.52 -8.84
CA ALA D 247 9.60 -20.22 -7.58
C ALA D 247 10.31 -19.41 -6.46
N GLU D 248 9.53 -18.97 -5.47
CA GLU D 248 10.04 -18.25 -4.31
C GLU D 248 10.50 -19.21 -3.20
N PHE D 249 11.69 -18.94 -2.67
CA PHE D 249 12.25 -19.68 -1.54
C PHE D 249 12.46 -18.65 -0.44
N ASN D 250 11.63 -18.75 0.61
CA ASN D 250 11.55 -17.70 1.63
C ASN D 250 10.94 -18.30 2.91
N MET D 251 11.25 -17.68 4.03
CA MET D 251 10.67 -18.10 5.33
C MET D 251 9.22 -17.69 5.45
N GLU D 252 8.82 -16.65 4.70
CA GLU D 252 7.47 -16.10 4.72
C GLU D 252 7.02 -15.67 3.34
N CYS D 253 5.77 -15.22 3.26
CA CYS D 253 5.23 -14.58 2.07
C CYS D 253 5.67 -13.13 2.01
N THR D 254 5.62 -12.63 0.79
CA THR D 254 6.02 -11.28 0.46
C THR D 254 4.86 -10.76 -0.35
N PRO D 255 4.77 -9.42 -0.53
CA PRO D 255 3.69 -8.95 -1.39
C PRO D 255 3.82 -9.38 -2.86
N ALA D 256 4.96 -9.96 -3.26
CA ALA D 256 5.13 -10.51 -4.63
C ALA D 256 4.71 -12.00 -4.81
N THR D 257 4.68 -12.77 -3.73
CA THR D 257 4.41 -14.22 -3.76
C THR D 257 3.18 -14.62 -4.64
N GLN D 258 2.08 -13.88 -4.46
CA GLN D 258 0.88 -14.03 -5.30
C GLN D 258 1.07 -14.12 -6.82
N ARG D 259 2.12 -13.52 -7.38
CA ARG D 259 2.37 -13.54 -8.82
C ARG D 259 3.18 -14.75 -9.30
N PHE D 260 3.69 -15.58 -8.38
CA PHE D 260 4.58 -16.69 -8.74
C PHE D 260 3.88 -18.04 -8.76
N LYS D 261 4.47 -18.99 -9.47
CA LYS D 261 3.86 -20.29 -9.64
C LYS D 261 4.11 -21.18 -8.43
N TYR D 262 5.33 -21.17 -7.91
CA TYR D 262 5.70 -22.00 -6.77
C TYR D 262 6.16 -21.14 -5.61
N HIS D 263 6.03 -21.70 -4.41
CA HIS D 263 6.54 -21.06 -3.20
C HIS D 263 6.96 -22.13 -2.23
N PHE D 264 8.20 -22.09 -1.77
CA PHE D 264 8.75 -23.09 -0.86
C PHE D 264 9.20 -22.44 0.45
N GLU D 265 8.28 -22.43 1.43
CA GLU D 265 8.52 -21.91 2.77
C GLU D 265 9.67 -22.65 3.44
N GLY D 266 10.52 -21.90 4.14
CA GLY D 266 11.52 -22.46 5.06
C GLY D 266 12.89 -21.80 4.95
N PRO D 267 13.84 -22.21 5.79
CA PRO D 267 15.19 -21.68 5.65
C PRO D 267 15.82 -22.17 4.37
N CYS D 268 16.26 -21.27 3.48
CA CYS D 268 16.71 -21.68 2.14
C CYS D 268 17.94 -22.55 2.11
N GLY D 269 18.78 -22.48 3.14
CA GLY D 269 19.86 -23.45 3.33
C GLY D 269 19.41 -24.91 3.37
N SER D 270 18.16 -25.13 3.75
CA SER D 270 17.54 -26.45 3.73
C SER D 270 16.69 -26.71 2.48
N THR D 271 15.85 -25.75 2.10
CA THR D 271 14.95 -25.94 0.96
C THR D 271 15.59 -25.81 -0.42
N LEU D 272 16.70 -25.09 -0.56
CA LEU D 272 17.25 -24.86 -1.90
C LEU D 272 18.09 -26.01 -2.49
N PRO D 273 19.01 -26.62 -1.68
CA PRO D 273 19.83 -27.69 -2.21
C PRO D 273 19.08 -28.92 -2.78
N PRO D 274 17.99 -29.39 -2.10
CA PRO D 274 17.19 -30.48 -2.71
C PRO D 274 16.48 -30.08 -4.00
N ALA D 275 16.21 -28.79 -4.17
CA ALA D 275 15.58 -28.25 -5.39
C ALA D 275 16.56 -28.02 -6.55
N LEU D 276 17.86 -27.88 -6.25
CA LEU D 276 18.89 -27.69 -7.27
C LEU D 276 19.63 -28.97 -7.65
N GLU D 277 19.42 -30.02 -6.87
CA GLU D 277 20.03 -31.34 -7.07
C GLU D 277 19.92 -31.94 -8.45
#